data_2Y5Y
#
_entry.id   2Y5Y
#
_cell.length_a   102.560
_cell.length_b   127.840
_cell.length_c   189.870
_cell.angle_alpha   90.00
_cell.angle_beta   90.00
_cell.angle_gamma   90.00
#
_symmetry.space_group_name_H-M   'P 21 21 21'
#
loop_
_entity.id
_entity.type
_entity.pdbx_description
1 polymer 'LACTOSE PERMEASE'
2 non-polymer 'BARIUM ION'
3 non-polymer '2-sulfanylethyl beta-D-galactopyranoside'
#
_entity_poly.entity_id   1
_entity_poly.type   'polypeptide(L)'
_entity_poly.pdbx_seq_one_letter_code
;MYYLKNTNFWMFGLFFFFYFFIMGAYFPFFPIWLHDINHISKSDTGIIFAAISLFSLLFQPLFGLLSDKLGLRKYLLWII
TGMLVMFAPFFIFIFGPLLQYNILVGSIVGGIYLGFSFNAGCPAVEAFIEKVSRRSNFEFGRARMFGAVGWALVASIVGI
MFTINNQFVFWLGSGMALILAVLLFFAKTDAPSSATVANAVGANHSAFSLKLALELFRQPKLWFLSLYVIGVSSTYDVFD
QQFANFFTSFFATGEQGTRVFGYVTTMGELLNASIMFFAPLIINRIGGKNALLLAGTIMSVRIIGSSFATSALEVVILKT
LHMFEVPFLLVGSFKYITSQFEVRFSATIYLVAFAFFKQLAMIFMSVLAGNMYESIGFQGAYLVLGLVALGFTLISVFTL
SGPGPLSLLRRQVNEVAHHHHHH
;
_entity_poly.pdbx_strand_id   A,B
#
# COMPACT_ATOMS: atom_id res chain seq x y z
N LEU A 4 -5.11 2.93 -19.11
CA LEU A 4 -3.77 2.50 -19.52
C LEU A 4 -2.68 3.45 -18.99
N LYS A 5 -2.86 4.77 -19.21
CA LYS A 5 -1.94 5.82 -18.77
C LYS A 5 -2.70 7.12 -18.44
N ASN A 6 -4.03 7.16 -18.68
CA ASN A 6 -4.90 8.32 -18.42
C ASN A 6 -4.60 8.90 -17.04
N THR A 7 -4.20 10.18 -16.98
CA THR A 7 -3.86 10.85 -15.71
C THR A 7 -5.07 10.99 -14.80
N ASN A 8 -6.28 11.22 -15.38
CA ASN A 8 -7.54 11.33 -14.64
C ASN A 8 -8.05 9.97 -14.14
N PHE A 9 -7.61 8.87 -14.81
CA PHE A 9 -7.91 7.49 -14.40
C PHE A 9 -7.32 7.13 -13.04
N TRP A 10 -6.05 7.50 -12.79
CA TRP A 10 -5.35 7.25 -11.53
C TRP A 10 -5.86 8.20 -10.44
N MET A 11 -6.13 9.48 -10.80
CA MET A 11 -6.64 10.49 -9.89
C MET A 11 -8.02 10.04 -9.36
N PHE A 12 -8.83 9.38 -10.20
CA PHE A 12 -10.16 8.88 -9.85
C PHE A 12 -10.30 7.40 -9.49
N GLY A 13 -9.33 6.59 -9.90
CA GLY A 13 -9.25 5.16 -9.59
C GLY A 13 -8.87 4.98 -8.13
N LEU A 14 -7.95 5.84 -7.65
CA LEU A 14 -7.51 5.91 -6.26
C LEU A 14 -8.62 6.55 -5.43
N PHE A 15 -9.44 7.42 -6.04
CA PHE A 15 -10.59 8.05 -5.40
C PHE A 15 -11.66 7.00 -5.13
N PHE A 16 -11.76 5.97 -6.00
CA PHE A 16 -12.65 4.83 -5.87
C PHE A 16 -12.16 3.94 -4.72
N PHE A 17 -10.83 3.76 -4.62
CA PHE A 17 -10.15 2.96 -3.60
C PHE A 17 -10.25 3.59 -2.21
N PHE A 18 -9.85 4.88 -2.09
CA PHE A 18 -9.85 5.59 -0.82
C PHE A 18 -11.21 6.00 -0.24
N TYR A 19 -12.30 5.87 -1.04
CA TYR A 19 -13.66 6.13 -0.56
C TYR A 19 -14.22 4.81 -0.03
N PHE A 20 -13.97 3.70 -0.77
CA PHE A 20 -14.41 2.36 -0.38
C PHE A 20 -13.57 1.85 0.81
N PHE A 21 -12.54 2.64 1.19
CA PHE A 21 -11.68 2.44 2.34
C PHE A 21 -12.52 2.83 3.55
N ILE A 22 -13.10 4.06 3.51
CA ILE A 22 -13.95 4.63 4.55
C ILE A 22 -15.33 3.95 4.55
N MET A 23 -15.78 3.49 3.36
CA MET A 23 -17.04 2.75 3.20
C MET A 23 -16.87 1.35 3.82
N GLY A 24 -15.71 0.73 3.58
CA GLY A 24 -15.34 -0.58 4.10
C GLY A 24 -15.16 -0.61 5.61
N ALA A 25 -14.87 0.56 6.21
CA ALA A 25 -14.69 0.72 7.65
C ALA A 25 -16.05 0.85 8.34
N TYR A 26 -16.89 1.78 7.88
CA TYR A 26 -18.21 2.04 8.46
C TYR A 26 -19.25 0.91 8.33
N PHE A 27 -19.78 0.67 7.12
CA PHE A 27 -20.88 -0.24 6.83
C PHE A 27 -20.91 -1.67 7.38
N PRO A 28 -19.92 -2.56 7.12
CA PRO A 28 -20.04 -3.93 7.66
C PRO A 28 -19.88 -4.01 9.18
N PHE A 29 -19.01 -3.16 9.75
CA PHE A 29 -18.75 -3.13 11.19
C PHE A 29 -19.55 -2.10 11.98
N PHE A 30 -20.63 -1.57 11.38
CA PHE A 30 -21.53 -0.62 12.03
C PHE A 30 -22.42 -1.27 13.11
N PRO A 31 -23.10 -2.44 12.88
CA PRO A 31 -23.93 -3.01 13.96
C PRO A 31 -23.15 -3.53 15.18
N ILE A 32 -21.93 -4.06 14.95
CA ILE A 32 -21.03 -4.59 15.99
C ILE A 32 -20.55 -3.44 16.88
N TRP A 33 -20.32 -2.25 16.29
CA TRP A 33 -19.92 -1.03 16.99
C TRP A 33 -21.06 -0.51 17.89
N LEU A 34 -22.33 -0.85 17.56
CA LEU A 34 -23.49 -0.43 18.35
C LEU A 34 -23.81 -1.37 19.52
N HIS A 35 -23.95 -2.68 19.25
CA HIS A 35 -24.29 -3.67 20.27
C HIS A 35 -23.06 -4.12 21.07
N ASP A 36 -22.05 -4.69 20.39
CA ASP A 36 -20.86 -5.21 21.05
C ASP A 36 -20.18 -4.06 21.81
N ILE A 37 -19.84 -2.95 21.10
CA ILE A 37 -19.19 -1.78 21.71
C ILE A 37 -19.98 -0.71 22.46
N ASN A 38 -20.98 -0.08 21.79
CA ASN A 38 -21.80 0.97 22.40
C ASN A 38 -22.90 0.41 23.32
N HIS A 39 -23.09 -0.92 23.32
CA HIS A 39 -24.07 -1.68 24.12
C HIS A 39 -25.53 -1.27 23.88
N ILE A 40 -25.88 -1.08 22.61
CA ILE A 40 -27.22 -0.67 22.17
C ILE A 40 -28.11 -1.90 21.88
N SER A 41 -29.36 -1.86 22.40
CA SER A 41 -30.34 -2.94 22.25
C SER A 41 -30.83 -3.12 20.83
N LYS A 42 -31.47 -4.27 20.56
CA LYS A 42 -32.00 -4.67 19.26
C LYS A 42 -33.10 -3.73 18.73
N SER A 43 -33.98 -3.24 19.63
CA SER A 43 -35.06 -2.30 19.33
C SER A 43 -34.50 -0.92 19.00
N ASP A 44 -33.42 -0.52 19.68
CA ASP A 44 -32.71 0.76 19.52
C ASP A 44 -32.01 0.78 18.16
N THR A 45 -31.39 -0.36 17.76
CA THR A 45 -30.71 -0.53 16.48
C THR A 45 -31.74 -0.47 15.35
N GLY A 46 -32.94 -0.98 15.61
CA GLY A 46 -34.08 -0.96 14.69
C GLY A 46 -34.51 0.47 14.37
N ILE A 47 -34.39 1.37 15.37
CA ILE A 47 -34.68 2.80 15.26
C ILE A 47 -33.59 3.51 14.45
N ILE A 48 -32.31 3.10 14.66
CA ILE A 48 -31.13 3.62 13.96
C ILE A 48 -31.22 3.37 12.45
N PHE A 49 -31.50 2.10 12.05
CA PHE A 49 -31.64 1.70 10.66
C PHE A 49 -32.88 2.25 9.95
N ALA A 50 -33.92 2.63 10.73
CA ALA A 50 -35.15 3.23 10.22
C ALA A 50 -34.88 4.67 9.79
N ALA A 51 -34.05 5.37 10.58
CA ALA A 51 -33.62 6.74 10.32
C ALA A 51 -32.61 6.77 9.16
N ILE A 52 -31.86 5.66 8.98
CA ILE A 52 -30.89 5.45 7.89
C ILE A 52 -31.66 5.43 6.55
N SER A 53 -32.78 4.67 6.51
CA SER A 53 -33.66 4.54 5.34
C SER A 53 -34.50 5.82 5.09
N LEU A 54 -34.76 6.63 6.15
CA LEU A 54 -35.53 7.88 6.06
C LEU A 54 -34.72 8.99 5.38
N PHE A 55 -33.45 9.17 5.77
CA PHE A 55 -32.53 10.17 5.18
C PHE A 55 -32.15 9.75 3.75
N SER A 56 -32.15 8.43 3.49
CA SER A 56 -31.87 7.83 2.17
C SER A 56 -33.03 8.15 1.21
N LEU A 57 -34.27 8.09 1.72
CA LEU A 57 -35.49 8.40 0.97
C LEU A 57 -35.55 9.90 0.63
N LEU A 58 -34.91 10.75 1.44
CA LEU A 58 -34.91 12.20 1.26
C LEU A 58 -33.73 12.67 0.39
N PHE A 59 -32.49 12.26 0.72
CA PHE A 59 -31.29 12.68 0.03
C PHE A 59 -30.95 12.04 -1.30
N GLN A 60 -31.21 10.72 -1.46
CA GLN A 60 -30.94 9.99 -2.73
C GLN A 60 -31.67 10.60 -3.95
N PRO A 61 -32.99 10.96 -3.89
CA PRO A 61 -33.63 11.57 -5.07
C PRO A 61 -33.12 12.98 -5.37
N LEU A 62 -32.64 13.70 -4.33
CA LEU A 62 -32.08 15.05 -4.45
C LEU A 62 -30.75 15.02 -5.22
N PHE A 63 -29.93 13.97 -5.02
CA PHE A 63 -28.63 13.82 -5.69
C PHE A 63 -28.73 13.28 -7.13
N GLY A 64 -29.80 12.53 -7.41
CA GLY A 64 -30.08 11.97 -8.73
C GLY A 64 -30.48 13.03 -9.73
N LEU A 65 -30.92 14.21 -9.22
CA LEU A 65 -31.32 15.37 -10.00
C LEU A 65 -30.18 16.39 -10.03
N LEU A 66 -29.38 16.45 -8.96
CA LEU A 66 -28.25 17.38 -8.84
C LEU A 66 -27.05 16.95 -9.69
N SER A 67 -26.33 15.87 -9.29
CA SER A 67 -25.13 15.32 -9.95
C SER A 67 -25.30 15.12 -11.46
N ASP A 68 -26.48 14.63 -11.88
CA ASP A 68 -26.83 14.39 -13.28
C ASP A 68 -26.94 15.68 -14.09
N LYS A 69 -27.54 16.74 -13.49
CA LYS A 69 -27.72 18.04 -14.13
C LYS A 69 -26.79 19.24 -13.89
N LEU A 70 -26.85 19.84 -12.69
CA LEU A 70 -26.09 21.03 -12.26
C LEU A 70 -24.81 20.54 -11.55
N GLY A 71 -24.96 19.56 -10.65
CA GLY A 71 -23.88 18.98 -9.84
C GLY A 71 -22.63 18.48 -10.53
N LEU A 72 -22.64 18.43 -11.88
CA LEU A 72 -21.53 18.03 -12.74
C LEU A 72 -20.23 18.87 -12.61
N ARG A 73 -20.34 20.04 -11.94
CA ARG A 73 -19.23 20.98 -11.74
C ARG A 73 -18.46 20.76 -10.41
N LYS A 74 -18.35 19.49 -9.94
CA LYS A 74 -17.65 19.00 -8.73
C LYS A 74 -17.97 19.60 -7.35
N TYR A 75 -18.99 20.48 -7.26
CA TYR A 75 -19.43 21.21 -6.06
C TYR A 75 -19.99 20.25 -5.01
N LEU A 76 -20.80 19.26 -5.42
CA LEU A 76 -21.41 18.27 -4.52
C LEU A 76 -20.38 17.29 -3.96
N LEU A 77 -19.41 16.86 -4.79
CA LEU A 77 -18.35 15.92 -4.39
C LEU A 77 -17.44 16.48 -3.29
N TRP A 78 -17.30 17.84 -3.24
CA TRP A 78 -16.53 18.58 -2.24
C TRP A 78 -17.24 18.60 -0.87
N ILE A 79 -18.60 18.67 -0.87
CA ILE A 79 -19.47 18.66 0.31
C ILE A 79 -19.41 17.28 0.99
N ILE A 80 -19.45 16.19 0.18
CA ILE A 80 -19.37 14.79 0.62
C ILE A 80 -18.03 14.58 1.34
N THR A 81 -16.94 15.12 0.77
CA THR A 81 -15.58 15.05 1.30
C THR A 81 -15.44 15.87 2.61
N GLY A 82 -16.22 16.94 2.75
CA GLY A 82 -16.24 17.80 3.93
C GLY A 82 -16.74 17.08 5.17
N MET A 83 -17.68 16.14 4.97
CA MET A 83 -18.27 15.30 6.01
C MET A 83 -17.29 14.17 6.34
N LEU A 84 -16.69 13.57 5.29
CA LEU A 84 -15.72 12.46 5.34
C LEU A 84 -14.43 12.82 6.09
N VAL A 85 -14.00 14.09 6.03
CA VAL A 85 -12.82 14.62 6.73
C VAL A 85 -13.04 14.47 8.25
N MET A 86 -14.27 14.76 8.71
CA MET A 86 -14.67 14.61 10.10
C MET A 86 -15.47 13.31 10.31
N PHE A 87 -14.84 12.16 9.96
CA PHE A 87 -15.40 10.81 10.10
C PHE A 87 -15.21 10.34 11.55
N ALA A 88 -13.94 10.35 12.02
CA ALA A 88 -13.56 9.98 13.38
C ALA A 88 -14.02 11.04 14.42
N PRO A 89 -13.84 12.38 14.23
CA PRO A 89 -14.33 13.34 15.23
C PRO A 89 -15.86 13.44 15.31
N PHE A 90 -16.56 12.48 14.68
CA PHE A 90 -18.01 12.36 14.68
C PHE A 90 -18.40 11.13 15.49
N PHE A 91 -17.95 9.93 15.08
CA PHE A 91 -18.24 8.67 15.75
C PHE A 91 -17.67 8.61 17.17
N ILE A 92 -16.42 9.05 17.35
CA ILE A 92 -15.69 9.05 18.62
C ILE A 92 -16.09 10.24 19.51
N PHE A 93 -16.37 11.42 18.91
CA PHE A 93 -16.71 12.63 19.66
C PHE A 93 -18.18 13.04 19.75
N ILE A 94 -18.93 12.96 18.64
CA ILE A 94 -20.34 13.41 18.61
C ILE A 94 -21.37 12.27 18.64
N PHE A 95 -21.32 11.35 17.66
CA PHE A 95 -22.25 10.23 17.49
C PHE A 95 -22.29 9.26 18.67
N GLY A 96 -21.12 8.73 19.05
CA GLY A 96 -20.96 7.80 20.17
C GLY A 96 -21.63 8.27 21.46
N PRO A 97 -21.26 9.48 21.99
CA PRO A 97 -21.89 9.95 23.24
C PRO A 97 -23.39 10.26 23.14
N LEU A 98 -23.89 10.72 21.97
CA LEU A 98 -25.31 11.03 21.75
C LEU A 98 -26.22 9.80 21.92
N LEU A 99 -25.71 8.62 21.52
CA LEU A 99 -26.39 7.32 21.64
C LEU A 99 -26.37 6.91 23.11
N GLN A 100 -25.18 7.01 23.77
CA GLN A 100 -24.92 6.70 25.18
C GLN A 100 -25.71 7.63 26.12
N TYR A 101 -26.14 8.83 25.60
CA TYR A 101 -26.97 9.82 26.30
C TYR A 101 -28.42 9.32 26.44
N ASN A 102 -28.64 8.00 26.21
CA ASN A 102 -29.90 7.24 26.32
C ASN A 102 -31.13 7.96 25.73
N ILE A 103 -30.91 8.86 24.73
CA ILE A 103 -31.97 9.58 24.03
C ILE A 103 -31.55 9.20 22.60
N LEU A 104 -32.30 8.25 22.02
CA LEU A 104 -32.07 7.68 20.69
C LEU A 104 -32.68 8.55 19.59
N VAL A 105 -33.85 9.17 19.87
CA VAL A 105 -34.58 10.06 18.95
C VAL A 105 -33.74 11.29 18.62
N GLY A 106 -33.14 11.91 19.64
CA GLY A 106 -32.28 13.07 19.50
C GLY A 106 -31.04 12.67 18.72
N SER A 107 -30.45 11.52 19.09
CA SER A 107 -29.24 10.96 18.47
C SER A 107 -29.30 10.52 17.01
N ILE A 108 -30.42 9.88 16.58
CA ILE A 108 -30.59 9.40 15.20
C ILE A 108 -30.53 10.51 14.16
N VAL A 109 -31.14 11.68 14.47
CA VAL A 109 -31.18 12.86 13.61
C VAL A 109 -29.74 13.26 13.20
N GLY A 110 -28.90 13.53 14.21
CA GLY A 110 -27.51 13.92 14.03
C GLY A 110 -26.63 12.82 13.47
N GLY A 111 -27.05 11.56 13.65
CA GLY A 111 -26.33 10.38 13.18
C GLY A 111 -26.36 10.15 11.69
N ILE A 112 -27.54 10.37 11.05
CA ILE A 112 -27.69 10.13 9.61
C ILE A 112 -27.22 11.29 8.72
N TYR A 113 -26.86 12.45 9.31
CA TYR A 113 -26.32 13.57 8.55
C TYR A 113 -24.96 13.21 7.95
N LEU A 114 -24.21 12.34 8.63
CA LEU A 114 -22.95 11.83 8.13
C LEU A 114 -23.19 10.41 7.59
N GLY A 115 -24.34 9.84 7.96
CA GLY A 115 -24.76 8.51 7.53
C GLY A 115 -25.18 8.44 6.07
N PHE A 116 -25.88 9.50 5.58
CA PHE A 116 -26.34 9.56 4.19
C PHE A 116 -25.22 9.78 3.17
N SER A 117 -23.99 10.10 3.63
CA SER A 117 -22.83 10.32 2.78
C SER A 117 -22.34 9.00 2.16
N PHE A 118 -22.77 7.88 2.77
CA PHE A 118 -22.44 6.53 2.33
C PHE A 118 -23.65 5.86 1.69
N ASN A 119 -24.85 6.06 2.28
CA ASN A 119 -26.10 5.48 1.76
C ASN A 119 -26.57 6.15 0.48
N ALA A 120 -26.85 7.47 0.55
CA ALA A 120 -27.32 8.30 -0.58
C ALA A 120 -26.15 8.95 -1.33
N GLY A 121 -25.00 9.05 -0.65
CA GLY A 121 -23.78 9.66 -1.18
C GLY A 121 -23.10 8.85 -2.26
N CYS A 122 -22.81 7.56 -1.98
CA CYS A 122 -22.15 6.64 -2.90
C CYS A 122 -22.76 6.53 -4.31
N PRO A 123 -24.09 6.34 -4.52
CA PRO A 123 -24.62 6.26 -5.90
C PRO A 123 -24.33 7.52 -6.72
N ALA A 124 -24.37 8.71 -6.07
CA ALA A 124 -24.07 10.01 -6.68
C ALA A 124 -22.59 10.14 -7.01
N VAL A 125 -21.71 9.56 -6.16
CA VAL A 125 -20.25 9.55 -6.35
C VAL A 125 -19.94 8.58 -7.51
N GLU A 126 -20.60 7.40 -7.52
CA GLU A 126 -20.47 6.38 -8.57
C GLU A 126 -21.01 6.92 -9.91
N ALA A 127 -22.02 7.81 -9.88
CA ALA A 127 -22.61 8.45 -11.06
C ALA A 127 -21.71 9.57 -11.60
N PHE A 128 -21.06 10.35 -10.70
CA PHE A 128 -20.16 11.45 -11.05
C PHE A 128 -18.91 10.93 -11.76
N ILE A 129 -18.38 9.80 -11.28
CA ILE A 129 -17.20 9.14 -11.81
C ILE A 129 -17.52 8.34 -13.08
N GLU A 130 -18.82 7.96 -13.28
CA GLU A 130 -19.36 7.27 -14.47
C GLU A 130 -19.28 8.24 -15.66
N LYS A 131 -19.43 9.55 -15.37
CA LYS A 131 -19.37 10.65 -16.33
C LYS A 131 -17.93 10.94 -16.78
N VAL A 132 -16.96 10.91 -15.85
CA VAL A 132 -15.53 11.15 -16.10
C VAL A 132 -14.97 10.03 -17.00
N SER A 133 -15.43 8.78 -16.78
CA SER A 133 -15.03 7.60 -17.55
C SER A 133 -15.56 7.67 -18.99
N ARG A 134 -16.76 8.23 -19.15
CA ARG A 134 -17.46 8.43 -20.43
C ARG A 134 -16.76 9.55 -21.25
N ARG A 135 -16.22 10.58 -20.54
CA ARG A 135 -15.51 11.72 -21.12
C ARG A 135 -14.14 11.28 -21.69
N SER A 136 -13.48 10.30 -21.02
CA SER A 136 -12.19 9.73 -21.40
C SER A 136 -12.09 8.30 -21.99
N ASN A 137 -10.84 7.80 -22.18
CA ASN A 137 -10.56 6.47 -22.73
C ASN A 137 -10.95 5.33 -21.77
N PHE A 138 -10.50 5.42 -20.49
CA PHE A 138 -10.73 4.42 -19.44
C PHE A 138 -12.19 4.07 -19.20
N GLU A 139 -12.47 2.77 -18.95
CA GLU A 139 -13.83 2.27 -18.70
C GLU A 139 -14.19 2.18 -17.22
N PHE A 140 -15.47 2.48 -16.90
CA PHE A 140 -16.04 2.46 -15.55
C PHE A 140 -16.00 1.06 -14.90
N GLY A 141 -16.16 0.01 -15.71
CA GLY A 141 -16.13 -1.38 -15.28
C GLY A 141 -14.82 -1.78 -14.60
N ARG A 142 -13.69 -1.23 -15.11
CA ARG A 142 -12.35 -1.46 -14.58
C ARG A 142 -12.00 -0.44 -13.50
N ALA A 143 -12.65 0.74 -13.54
CA ALA A 143 -12.47 1.82 -12.54
C ALA A 143 -13.18 1.46 -11.24
N ARG A 144 -14.37 0.82 -11.32
CA ARG A 144 -15.17 0.36 -10.17
C ARG A 144 -14.43 -0.76 -9.43
N MET A 145 -13.76 -1.65 -10.18
CA MET A 145 -13.01 -2.77 -9.64
C MET A 145 -11.82 -2.28 -8.79
N PHE A 146 -11.21 -1.14 -9.19
CA PHE A 146 -10.15 -0.46 -8.45
C PHE A 146 -10.50 -0.17 -6.98
N GLY A 147 -11.78 0.13 -6.74
CA GLY A 147 -12.32 0.43 -5.42
C GLY A 147 -12.74 -0.80 -4.62
N ALA A 148 -13.16 -1.88 -5.31
CA ALA A 148 -13.60 -3.15 -4.72
C ALA A 148 -12.53 -3.80 -3.84
N VAL A 149 -11.24 -3.60 -4.17
CA VAL A 149 -10.10 -4.10 -3.39
C VAL A 149 -9.93 -3.26 -2.12
N GLY A 150 -10.32 -1.97 -2.17
CA GLY A 150 -10.28 -1.05 -1.05
C GLY A 150 -11.30 -1.41 0.02
N TRP A 151 -12.45 -1.95 -0.41
CA TRP A 151 -13.54 -2.44 0.43
C TRP A 151 -13.06 -3.73 1.11
N ALA A 152 -12.41 -4.62 0.32
CA ALA A 152 -11.87 -5.90 0.77
C ALA A 152 -10.66 -5.76 1.70
N LEU A 153 -9.72 -4.85 1.38
CA LEU A 153 -8.52 -4.59 2.18
C LEU A 153 -8.86 -4.09 3.58
N VAL A 154 -9.84 -3.18 3.68
CA VAL A 154 -10.27 -2.60 4.96
C VAL A 154 -11.02 -3.61 5.82
N ALA A 155 -12.05 -4.29 5.26
CA ALA A 155 -12.88 -5.30 5.94
C ALA A 155 -12.08 -6.29 6.81
N SER A 156 -10.95 -6.80 6.29
CA SER A 156 -10.07 -7.72 7.02
C SER A 156 -9.25 -6.97 8.07
N ILE A 157 -8.71 -5.77 7.70
CA ILE A 157 -7.92 -4.90 8.57
C ILE A 157 -8.72 -4.38 9.78
N VAL A 158 -10.00 -4.00 9.56
CA VAL A 158 -10.88 -3.55 10.63
C VAL A 158 -11.34 -4.72 11.52
N GLY A 159 -11.68 -5.86 10.90
CA GLY A 159 -12.10 -7.09 11.57
C GLY A 159 -11.08 -7.64 12.54
N ILE A 160 -9.81 -7.67 12.10
CA ILE A 160 -8.67 -8.14 12.88
C ILE A 160 -8.28 -7.13 13.98
N MET A 161 -8.18 -5.82 13.63
CA MET A 161 -7.80 -4.76 14.58
C MET A 161 -8.87 -4.13 15.50
N PHE A 162 -10.15 -4.51 15.29
CA PHE A 162 -11.29 -4.05 16.08
C PHE A 162 -11.24 -4.24 17.59
N THR A 163 -11.01 -5.48 18.05
CA THR A 163 -10.92 -5.89 19.45
C THR A 163 -9.72 -5.25 20.17
N ILE A 164 -8.64 -4.97 19.42
CA ILE A 164 -7.43 -4.32 19.94
C ILE A 164 -7.75 -2.84 20.21
N ASN A 165 -8.13 -2.08 19.16
CA ASN A 165 -8.52 -0.68 19.23
C ASN A 165 -9.29 -0.25 17.99
N ASN A 166 -10.62 -0.12 18.12
CA ASN A 166 -11.51 0.32 17.04
C ASN A 166 -11.38 1.83 16.81
N GLN A 167 -10.96 2.57 17.86
CA GLN A 167 -10.77 4.03 17.86
C GLN A 167 -9.75 4.52 16.83
N PHE A 168 -8.64 3.77 16.64
CA PHE A 168 -7.59 4.15 15.68
C PHE A 168 -7.89 3.78 14.22
N VAL A 169 -8.78 2.78 13.99
CA VAL A 169 -9.22 2.38 12.65
C VAL A 169 -10.16 3.49 12.12
N PHE A 170 -10.98 4.07 13.02
CA PHE A 170 -11.87 5.20 12.72
C PHE A 170 -11.01 6.44 12.48
N TRP A 171 -9.94 6.61 13.30
CA TRP A 171 -8.96 7.70 13.25
C TRP A 171 -8.10 7.59 11.96
N LEU A 172 -8.14 6.43 11.29
CA LEU A 172 -7.42 6.16 10.05
C LEU A 172 -8.25 6.56 8.82
N GLY A 173 -9.55 6.27 8.86
CA GLY A 173 -10.50 6.57 7.79
C GLY A 173 -10.69 8.04 7.51
N SER A 174 -10.79 8.87 8.58
CA SER A 174 -10.95 10.33 8.51
C SER A 174 -9.71 11.00 7.89
N GLY A 175 -8.53 10.43 8.18
CA GLY A 175 -7.26 10.89 7.64
C GLY A 175 -7.12 10.57 6.17
N MET A 176 -7.65 9.39 5.76
CA MET A 176 -7.67 8.90 4.38
C MET A 176 -8.50 9.81 3.48
N ALA A 177 -9.48 10.51 4.06
CA ALA A 177 -10.31 11.49 3.38
C ALA A 177 -9.60 12.85 3.40
N LEU A 178 -8.80 13.10 4.46
CA LEU A 178 -8.06 14.34 4.62
C LEU A 178 -6.79 14.44 3.77
N ILE A 179 -5.77 13.61 4.07
CA ILE A 179 -4.48 13.60 3.37
C ILE A 179 -4.56 13.00 1.96
N LEU A 180 -5.49 12.07 1.73
CA LEU A 180 -5.61 11.44 0.42
C LEU A 180 -6.65 12.01 -0.54
N ALA A 181 -7.91 12.21 -0.10
CA ALA A 181 -8.96 12.73 -1.00
C ALA A 181 -8.77 14.17 -1.48
N VAL A 182 -8.15 15.05 -0.66
CA VAL A 182 -7.86 16.46 -0.99
C VAL A 182 -6.83 16.56 -2.13
N LEU A 183 -5.81 15.69 -2.12
CA LEU A 183 -4.76 15.59 -3.14
C LEU A 183 -5.38 15.27 -4.50
N LEU A 184 -6.44 14.42 -4.49
CA LEU A 184 -7.20 14.02 -5.67
C LEU A 184 -8.12 15.15 -6.17
N PHE A 185 -8.36 16.18 -5.32
CA PHE A 185 -9.18 17.34 -5.67
C PHE A 185 -8.42 18.53 -6.26
N PHE A 186 -7.13 18.70 -5.90
CA PHE A 186 -6.29 19.76 -6.45
C PHE A 186 -5.95 19.43 -7.90
N ALA A 187 -5.71 18.14 -8.19
CA ALA A 187 -5.48 17.62 -9.52
C ALA A 187 -6.88 17.25 -10.05
N LYS A 188 -7.54 18.25 -10.66
CA LYS A 188 -8.92 18.19 -11.18
C LYS A 188 -9.01 18.11 -12.72
N ALA A 203 -23.82 4.86 -22.14
CA ALA A 203 -24.25 6.18 -21.69
C ALA A 203 -25.73 6.20 -21.30
N ASN A 204 -26.05 6.82 -20.14
CA ASN A 204 -27.40 6.96 -19.62
C ASN A 204 -27.80 8.42 -19.31
N HIS A 205 -27.96 9.23 -20.38
CA HIS A 205 -28.33 10.65 -20.28
C HIS A 205 -29.86 10.77 -20.22
N SER A 206 -30.44 10.39 -19.07
CA SER A 206 -31.89 10.41 -18.85
C SER A 206 -32.36 11.44 -17.80
N ALA A 207 -33.61 11.90 -17.95
CA ALA A 207 -34.29 12.85 -17.07
C ALA A 207 -35.72 12.36 -16.81
N PHE A 208 -36.32 12.78 -15.67
CA PHE A 208 -37.68 12.37 -15.32
C PHE A 208 -38.62 13.54 -14.98
N SER A 209 -39.94 13.29 -15.12
CA SER A 209 -41.00 14.27 -14.83
C SER A 209 -42.21 13.60 -14.17
N LEU A 210 -43.20 14.42 -13.76
CA LEU A 210 -44.44 13.94 -13.12
C LEU A 210 -45.34 13.16 -14.09
N LYS A 211 -45.45 13.60 -15.35
CA LYS A 211 -46.25 12.94 -16.40
C LYS A 211 -45.62 11.60 -16.80
N LEU A 212 -44.27 11.53 -16.77
CA LEU A 212 -43.48 10.33 -17.07
C LEU A 212 -43.78 9.30 -15.96
N ALA A 213 -43.86 9.78 -14.70
CA ALA A 213 -44.16 9.00 -13.51
C ALA A 213 -45.65 8.62 -13.50
N LEU A 214 -46.54 9.54 -13.95
CA LEU A 214 -47.99 9.29 -14.00
C LEU A 214 -48.33 8.25 -15.06
N GLU A 215 -47.58 8.24 -16.19
CA GLU A 215 -47.71 7.26 -17.28
C GLU A 215 -47.19 5.90 -16.81
N LEU A 216 -46.21 5.94 -15.90
CA LEU A 216 -45.59 4.77 -15.28
C LEU A 216 -46.61 4.04 -14.39
N PHE A 217 -47.40 4.82 -13.59
CA PHE A 217 -48.43 4.29 -12.68
C PHE A 217 -49.63 3.67 -13.42
N ARG A 218 -49.84 4.05 -14.70
CA ARG A 218 -50.91 3.54 -15.54
C ARG A 218 -50.70 2.06 -15.87
N GLN A 219 -49.43 1.66 -16.05
CA GLN A 219 -49.04 0.28 -16.38
C GLN A 219 -48.93 -0.58 -15.10
N PRO A 220 -49.54 -1.80 -15.07
CA PRO A 220 -49.44 -2.65 -13.88
C PRO A 220 -48.05 -3.28 -13.69
N LYS A 221 -47.23 -3.36 -14.77
CA LYS A 221 -45.87 -3.91 -14.80
C LYS A 221 -45.01 -3.37 -13.64
N LEU A 222 -45.11 -2.05 -13.37
CA LEU A 222 -44.41 -1.35 -12.30
C LEU A 222 -44.83 -1.87 -10.93
N TRP A 223 -46.15 -1.95 -10.68
CA TRP A 223 -46.74 -2.41 -9.42
C TRP A 223 -46.30 -3.82 -9.03
N PHE A 224 -46.26 -4.73 -10.02
CA PHE A 224 -45.82 -6.12 -9.82
C PHE A 224 -44.31 -6.16 -9.57
N LEU A 225 -43.56 -5.24 -10.19
CA LEU A 225 -42.11 -5.10 -10.01
C LEU A 225 -41.84 -4.51 -8.61
N SER A 226 -42.59 -3.45 -8.22
CA SER A 226 -42.49 -2.76 -6.92
C SER A 226 -42.69 -3.74 -5.77
N LEU A 227 -43.69 -4.64 -5.90
CA LEU A 227 -44.03 -5.68 -4.92
C LEU A 227 -42.87 -6.62 -4.65
N TYR A 228 -42.04 -6.91 -5.67
CA TYR A 228 -40.85 -7.73 -5.55
C TYR A 228 -39.76 -6.95 -4.80
N VAL A 229 -39.62 -5.66 -5.13
CA VAL A 229 -38.64 -4.75 -4.50
C VAL A 229 -38.97 -4.56 -3.01
N ILE A 230 -40.26 -4.43 -2.67
CA ILE A 230 -40.69 -4.25 -1.28
C ILE A 230 -40.82 -5.56 -0.48
N GLY A 231 -41.54 -6.53 -1.05
CA GLY A 231 -41.82 -7.83 -0.46
C GLY A 231 -40.52 -8.58 -0.26
N VAL A 232 -39.78 -8.85 -1.36
CA VAL A 232 -38.50 -9.58 -1.24
C VAL A 232 -37.23 -8.83 -0.88
N SER A 233 -36.85 -7.80 -1.65
CA SER A 233 -35.62 -7.03 -1.44
C SER A 233 -35.52 -6.32 -0.08
N SER A 234 -36.48 -5.41 0.24
CA SER A 234 -36.51 -4.66 1.50
C SER A 234 -36.46 -5.57 2.73
N THR A 235 -37.16 -6.72 2.65
CA THR A 235 -37.24 -7.76 3.68
C THR A 235 -35.83 -8.33 3.92
N TYR A 236 -35.11 -8.63 2.83
CA TYR A 236 -33.75 -9.18 2.84
C TYR A 236 -32.71 -8.14 3.26
N ASP A 237 -32.88 -6.88 2.83
CA ASP A 237 -31.97 -5.78 3.16
C ASP A 237 -32.00 -5.48 4.66
N VAL A 238 -33.21 -5.54 5.27
CA VAL A 238 -33.45 -5.34 6.69
C VAL A 238 -32.81 -6.49 7.48
N PHE A 239 -32.93 -7.73 6.96
CA PHE A 239 -32.37 -8.95 7.53
C PHE A 239 -30.85 -8.84 7.77
N ASP A 240 -30.14 -8.21 6.81
CA ASP A 240 -28.68 -8.00 6.88
C ASP A 240 -28.24 -6.88 7.82
N GLN A 241 -29.15 -5.94 8.15
CA GLN A 241 -28.87 -4.79 9.03
C GLN A 241 -28.32 -5.21 10.39
N GLN A 242 -28.86 -6.31 10.97
CA GLN A 242 -28.47 -6.83 12.28
C GLN A 242 -27.98 -8.29 12.28
N PHE A 243 -27.79 -8.90 11.09
CA PHE A 243 -27.31 -10.28 10.94
C PHE A 243 -25.90 -10.49 11.53
N ALA A 244 -25.01 -9.49 11.39
CA ALA A 244 -23.61 -9.52 11.87
C ALA A 244 -23.49 -9.89 13.35
N ASN A 245 -24.37 -9.31 14.21
CA ASN A 245 -24.43 -9.58 15.66
C ASN A 245 -24.82 -11.02 15.92
N PHE A 246 -25.81 -11.54 15.17
CA PHE A 246 -26.30 -12.93 15.22
C PHE A 246 -25.20 -13.90 14.79
N PHE A 247 -24.40 -13.51 13.78
CA PHE A 247 -23.30 -14.29 13.22
C PHE A 247 -22.17 -14.47 14.24
N THR A 248 -21.68 -13.34 14.82
CA THR A 248 -20.60 -13.27 15.84
C THR A 248 -20.87 -14.11 17.09
N SER A 249 -22.15 -14.40 17.36
CA SER A 249 -22.59 -15.18 18.52
C SER A 249 -22.15 -16.65 18.44
N PHE A 250 -22.14 -17.22 17.22
CA PHE A 250 -21.76 -18.62 16.96
C PHE A 250 -20.26 -18.93 17.19
N PHE A 251 -19.42 -17.88 17.29
CA PHE A 251 -17.97 -18.00 17.44
C PHE A 251 -17.43 -18.09 18.85
N ALA A 252 -16.37 -18.91 19.02
CA ALA A 252 -15.64 -19.23 20.26
C ALA A 252 -15.40 -18.03 21.19
N THR A 253 -14.89 -16.91 20.64
CA THR A 253 -14.62 -15.67 21.39
C THR A 253 -15.22 -14.43 20.70
N GLY A 254 -15.03 -13.26 21.33
CA GLY A 254 -15.44 -11.96 20.79
C GLY A 254 -14.52 -11.58 19.64
N GLU A 255 -13.24 -12.03 19.73
CA GLU A 255 -12.18 -11.86 18.73
C GLU A 255 -12.44 -12.79 17.54
N GLN A 256 -12.96 -14.01 17.80
CA GLN A 256 -13.28 -15.04 16.79
C GLN A 256 -14.45 -14.64 15.88
N GLY A 257 -15.37 -13.84 16.41
CA GLY A 257 -16.53 -13.35 15.68
C GLY A 257 -16.14 -12.39 14.57
N THR A 258 -15.50 -11.27 14.96
CA THR A 258 -15.02 -10.20 14.06
C THR A 258 -13.89 -10.63 13.11
N ARG A 259 -13.04 -11.59 13.53
CA ARG A 259 -11.92 -12.12 12.74
C ARG A 259 -12.48 -12.81 11.49
N VAL A 260 -13.40 -13.77 11.69
CA VAL A 260 -14.07 -14.54 10.63
C VAL A 260 -15.01 -13.64 9.83
N PHE A 261 -15.73 -12.71 10.50
CA PHE A 261 -16.62 -11.76 9.82
C PHE A 261 -15.83 -10.80 8.90
N GLY A 262 -14.59 -10.49 9.30
CA GLY A 262 -13.67 -9.67 8.52
C GLY A 262 -13.14 -10.42 7.32
N TYR A 263 -12.79 -11.70 7.52
CA TYR A 263 -12.28 -12.60 6.47
C TYR A 263 -13.35 -12.94 5.42
N VAL A 264 -14.63 -13.04 5.85
CA VAL A 264 -15.74 -13.39 4.96
C VAL A 264 -16.15 -12.32 3.94
N THR A 265 -16.32 -11.04 4.35
CA THR A 265 -16.70 -9.95 3.44
C THR A 265 -15.59 -9.65 2.42
N THR A 266 -14.33 -9.92 2.80
CA THR A 266 -13.12 -9.77 1.98
C THR A 266 -13.10 -10.87 0.90
N MET A 267 -13.27 -12.14 1.33
CA MET A 267 -13.30 -13.31 0.44
C MET A 267 -14.55 -13.28 -0.43
N GLY A 268 -15.67 -12.86 0.16
CA GLY A 268 -16.97 -12.74 -0.50
C GLY A 268 -16.99 -11.75 -1.64
N GLU A 269 -16.20 -10.66 -1.53
CA GLU A 269 -16.07 -9.63 -2.56
C GLU A 269 -15.34 -10.18 -3.77
N LEU A 270 -14.27 -10.98 -3.54
CA LEU A 270 -13.51 -11.64 -4.60
C LEU A 270 -14.39 -12.67 -5.30
N LEU A 271 -15.29 -13.32 -4.54
CA LEU A 271 -16.26 -14.29 -5.04
C LEU A 271 -17.37 -13.59 -5.83
N ASN A 272 -17.81 -12.40 -5.35
CA ASN A 272 -18.86 -11.60 -5.99
C ASN A 272 -18.42 -11.05 -7.34
N ALA A 273 -17.25 -10.38 -7.40
CA ALA A 273 -16.69 -9.81 -8.63
C ALA A 273 -16.39 -10.87 -9.67
N SER A 274 -15.92 -12.07 -9.23
CA SER A 274 -15.62 -13.20 -10.11
C SER A 274 -16.88 -13.75 -10.77
N ILE A 275 -17.98 -13.86 -10.01
CA ILE A 275 -19.24 -14.36 -10.53
C ILE A 275 -20.07 -13.32 -11.30
N MET A 276 -20.06 -12.02 -10.86
CA MET A 276 -20.78 -10.94 -11.57
C MET A 276 -20.20 -10.68 -12.96
N PHE A 277 -18.94 -11.12 -13.17
CA PHE A 277 -18.22 -11.06 -14.43
C PHE A 277 -18.87 -12.03 -15.42
N PHE A 278 -19.01 -13.33 -15.03
CA PHE A 278 -19.61 -14.38 -15.85
C PHE A 278 -21.15 -14.41 -15.81
N ALA A 279 -21.77 -13.64 -14.87
CA ALA A 279 -23.22 -13.57 -14.69
C ALA A 279 -24.05 -13.08 -15.88
N PRO A 280 -23.69 -11.98 -16.63
CA PRO A 280 -24.55 -11.54 -17.76
C PRO A 280 -24.82 -12.62 -18.81
N LEU A 281 -23.86 -13.53 -19.02
CA LEU A 281 -23.94 -14.66 -19.95
C LEU A 281 -25.11 -15.57 -19.56
N ILE A 282 -25.23 -15.84 -18.23
CA ILE A 282 -26.28 -16.66 -17.64
C ILE A 282 -27.64 -15.96 -17.78
N ILE A 283 -27.73 -14.70 -17.31
CA ILE A 283 -28.91 -13.83 -17.33
C ILE A 283 -29.59 -13.79 -18.70
N ASN A 284 -28.81 -13.59 -19.78
CA ASN A 284 -29.31 -13.53 -21.16
C ASN A 284 -29.95 -14.83 -21.66
N ARG A 285 -29.53 -15.98 -21.09
CA ARG A 285 -30.07 -17.29 -21.44
C ARG A 285 -31.30 -17.64 -20.61
N ILE A 286 -31.31 -17.25 -19.31
CA ILE A 286 -32.42 -17.51 -18.39
C ILE A 286 -33.56 -16.49 -18.46
N GLY A 287 -33.23 -15.23 -18.76
CA GLY A 287 -34.20 -14.15 -18.87
C GLY A 287 -34.27 -13.30 -17.62
N GLY A 288 -34.80 -12.08 -17.77
CA GLY A 288 -34.92 -11.07 -16.71
C GLY A 288 -35.76 -11.47 -15.50
N LYS A 289 -36.93 -12.11 -15.74
CA LYS A 289 -37.85 -12.57 -14.70
C LYS A 289 -37.21 -13.68 -13.85
N ASN A 290 -36.63 -14.69 -14.54
CA ASN A 290 -35.95 -15.85 -13.95
C ASN A 290 -34.70 -15.45 -13.18
N ALA A 291 -34.02 -14.35 -13.58
CA ALA A 291 -32.85 -13.82 -12.90
C ALA A 291 -33.29 -13.25 -11.55
N LEU A 292 -34.46 -12.58 -11.53
CA LEU A 292 -35.08 -12.02 -10.33
C LEU A 292 -35.65 -13.14 -9.46
N LEU A 293 -36.23 -14.17 -10.09
CA LEU A 293 -36.78 -15.32 -9.38
C LEU A 293 -35.67 -16.17 -8.76
N LEU A 294 -34.50 -16.25 -9.42
CA LEU A 294 -33.32 -16.97 -8.93
C LEU A 294 -32.73 -16.22 -7.76
N ALA A 295 -32.60 -14.88 -7.89
CA ALA A 295 -32.07 -13.97 -6.86
C ALA A 295 -32.92 -13.98 -5.58
N GLY A 296 -34.24 -14.11 -5.74
CA GLY A 296 -35.22 -14.14 -4.66
C GLY A 296 -35.24 -15.43 -3.87
N THR A 297 -35.02 -16.57 -4.56
CA THR A 297 -34.97 -17.89 -3.95
C THR A 297 -33.74 -17.97 -3.06
N ILE A 298 -32.57 -17.59 -3.60
CA ILE A 298 -31.30 -17.54 -2.85
C ILE A 298 -31.36 -16.47 -1.72
N MET A 299 -32.20 -15.43 -1.89
CA MET A 299 -32.44 -14.38 -0.89
C MET A 299 -33.17 -14.97 0.30
N SER A 300 -34.38 -15.53 0.08
CA SER A 300 -35.24 -16.13 1.10
C SER A 300 -34.66 -17.37 1.76
N VAL A 301 -33.95 -18.23 0.98
CA VAL A 301 -33.32 -19.45 1.49
C VAL A 301 -32.27 -19.12 2.58
N ARG A 302 -31.56 -17.98 2.45
CA ARG A 302 -30.59 -17.51 3.43
C ARG A 302 -31.30 -17.09 4.72
N ILE A 303 -32.39 -16.27 4.62
CA ILE A 303 -33.18 -15.79 5.76
C ILE A 303 -33.83 -16.98 6.49
N ILE A 304 -34.52 -17.87 5.73
CA ILE A 304 -35.19 -19.05 6.26
C ILE A 304 -34.20 -20.11 6.78
N GLY A 305 -32.99 -20.13 6.21
CA GLY A 305 -31.91 -21.02 6.63
C GLY A 305 -31.30 -20.56 7.94
N SER A 306 -31.26 -19.22 8.15
CA SER A 306 -30.77 -18.55 9.36
C SER A 306 -31.67 -18.78 10.58
N SER A 307 -32.94 -19.18 10.33
CA SER A 307 -33.93 -19.49 11.36
C SER A 307 -33.64 -20.85 12.04
N PHE A 308 -32.86 -21.72 11.37
CA PHE A 308 -32.50 -23.05 11.88
C PHE A 308 -30.98 -23.23 12.05
N ALA A 309 -30.22 -22.11 11.96
CA ALA A 309 -28.76 -22.07 12.09
C ALA A 309 -28.29 -22.57 13.46
N THR A 310 -27.30 -23.48 13.47
CA THR A 310 -26.78 -24.09 14.69
C THR A 310 -25.28 -23.93 14.91
N SER A 311 -24.45 -24.03 13.85
CA SER A 311 -22.99 -23.92 13.99
C SER A 311 -22.35 -22.70 13.31
N ALA A 312 -21.04 -22.47 13.59
CA ALA A 312 -20.21 -21.38 13.06
C ALA A 312 -19.86 -21.55 11.59
N LEU A 313 -19.55 -22.79 11.16
CA LEU A 313 -19.25 -23.10 9.76
C LEU A 313 -20.54 -23.18 8.93
N GLU A 314 -21.70 -23.31 9.62
CA GLU A 314 -23.04 -23.34 9.03
C GLU A 314 -23.46 -21.90 8.69
N VAL A 315 -23.13 -20.93 9.58
CA VAL A 315 -23.43 -19.50 9.36
C VAL A 315 -22.47 -18.87 8.35
N VAL A 316 -21.26 -19.44 8.22
CA VAL A 316 -20.25 -18.99 7.25
C VAL A 316 -20.79 -19.31 5.84
N ILE A 317 -21.41 -20.50 5.69
CA ILE A 317 -22.05 -20.97 4.47
C ILE A 317 -23.27 -20.10 4.11
N LEU A 318 -23.99 -19.59 5.12
CA LEU A 318 -25.15 -18.70 4.93
C LEU A 318 -24.72 -17.30 4.51
N LYS A 319 -23.56 -16.82 5.00
CA LYS A 319 -23.00 -15.51 4.65
C LYS A 319 -22.58 -15.44 3.17
N THR A 320 -21.99 -16.54 2.64
CA THR A 320 -21.53 -16.65 1.25
C THR A 320 -22.68 -16.60 0.25
N LEU A 321 -23.89 -17.03 0.66
CA LEU A 321 -25.10 -17.03 -0.16
C LEU A 321 -25.55 -15.62 -0.57
N HIS A 322 -25.14 -14.61 0.22
CA HIS A 322 -25.38 -13.18 -0.02
C HIS A 322 -24.57 -12.75 -1.25
N MET A 323 -23.38 -13.35 -1.42
CA MET A 323 -22.44 -13.09 -2.52
C MET A 323 -22.87 -13.83 -3.81
N PHE A 324 -23.63 -14.95 -3.69
CA PHE A 324 -24.17 -15.72 -4.82
C PHE A 324 -25.38 -14.94 -5.37
N GLU A 325 -26.13 -14.30 -4.46
CA GLU A 325 -27.31 -13.53 -4.75
C GLU A 325 -27.16 -12.20 -5.50
N VAL A 326 -26.26 -11.30 -5.01
CA VAL A 326 -25.96 -9.96 -5.54
C VAL A 326 -25.95 -9.80 -7.11
N PRO A 327 -25.18 -10.60 -7.91
CA PRO A 327 -25.22 -10.41 -9.37
C PRO A 327 -26.59 -10.66 -10.00
N PHE A 328 -27.30 -11.72 -9.57
CA PHE A 328 -28.64 -12.08 -10.05
C PHE A 328 -29.71 -11.03 -9.73
N LEU A 329 -29.36 -10.01 -8.92
CA LEU A 329 -30.24 -8.91 -8.58
C LEU A 329 -29.74 -7.56 -9.11
N LEU A 330 -28.41 -7.40 -9.26
CA LEU A 330 -27.85 -6.15 -9.81
C LEU A 330 -28.17 -6.12 -11.30
N VAL A 331 -27.62 -7.07 -12.07
CA VAL A 331 -27.86 -7.20 -13.51
C VAL A 331 -29.28 -7.76 -13.81
N GLY A 332 -29.81 -8.54 -12.87
CA GLY A 332 -31.15 -9.11 -12.95
C GLY A 332 -32.23 -8.05 -12.99
N SER A 333 -32.06 -6.97 -12.21
CA SER A 333 -32.97 -5.84 -12.17
C SER A 333 -32.79 -4.96 -13.41
N PHE A 334 -31.52 -4.79 -13.86
CA PHE A 334 -31.14 -4.00 -15.03
C PHE A 334 -31.81 -4.52 -16.31
N LYS A 335 -31.56 -5.80 -16.65
CA LYS A 335 -32.09 -6.46 -17.84
C LYS A 335 -33.62 -6.62 -17.85
N TYR A 336 -34.28 -6.56 -16.66
CA TYR A 336 -35.74 -6.66 -16.59
C TYR A 336 -36.37 -5.35 -17.09
N ILE A 337 -35.81 -4.19 -16.66
CA ILE A 337 -36.27 -2.85 -17.06
C ILE A 337 -35.92 -2.63 -18.55
N THR A 338 -34.69 -3.05 -18.94
CA THR A 338 -34.16 -2.98 -20.29
C THR A 338 -35.05 -3.80 -21.25
N SER A 339 -35.54 -4.97 -20.80
CA SER A 339 -36.36 -5.86 -21.62
C SER A 339 -37.88 -5.65 -21.54
N GLN A 340 -38.40 -5.15 -20.40
CA GLN A 340 -39.85 -4.98 -20.24
C GLN A 340 -40.38 -3.53 -20.10
N PHE A 341 -39.50 -2.51 -20.27
CA PHE A 341 -39.89 -1.10 -20.18
C PHE A 341 -39.25 -0.21 -21.24
N GLU A 342 -39.93 0.91 -21.59
CA GLU A 342 -39.42 1.91 -22.55
C GLU A 342 -38.21 2.61 -21.93
N VAL A 343 -37.15 2.81 -22.73
CA VAL A 343 -35.87 3.43 -22.34
C VAL A 343 -36.06 4.78 -21.63
N ARG A 344 -37.04 5.58 -22.08
CA ARG A 344 -37.41 6.89 -21.51
C ARG A 344 -37.90 6.80 -20.05
N PHE A 345 -38.62 5.71 -19.72
CA PHE A 345 -39.19 5.44 -18.40
C PHE A 345 -38.18 5.05 -17.31
N SER A 346 -37.01 4.48 -17.70
CA SER A 346 -35.93 4.01 -16.80
C SER A 346 -35.52 5.00 -15.70
N ALA A 347 -35.55 6.31 -16.00
CA ALA A 347 -35.20 7.39 -15.07
C ALA A 347 -36.11 7.37 -13.82
N THR A 348 -37.44 7.32 -14.04
CA THR A 348 -38.46 7.24 -12.97
C THR A 348 -38.41 5.90 -12.26
N ILE A 349 -38.34 4.78 -13.02
CA ILE A 349 -38.30 3.40 -12.52
C ILE A 349 -37.35 3.26 -11.34
N TYR A 350 -36.08 3.68 -11.52
CA TYR A 350 -35.06 3.61 -10.48
C TYR A 350 -35.38 4.44 -9.26
N LEU A 351 -35.99 5.61 -9.47
CA LEU A 351 -36.40 6.49 -8.40
C LEU A 351 -37.63 5.91 -7.68
N VAL A 352 -38.72 5.65 -8.42
CA VAL A 352 -40.00 5.13 -7.94
C VAL A 352 -39.93 3.81 -7.13
N ALA A 353 -39.49 2.69 -7.74
CA ALA A 353 -39.45 1.39 -7.06
C ALA A 353 -38.13 1.03 -6.35
N PHE A 354 -37.01 0.97 -7.11
CA PHE A 354 -35.68 0.60 -6.63
C PHE A 354 -35.25 1.54 -5.47
N ALA A 355 -35.40 2.87 -5.62
CA ALA A 355 -35.00 3.82 -4.58
C ALA A 355 -36.03 4.37 -3.57
N PHE A 356 -37.26 4.70 -4.01
CA PHE A 356 -38.30 5.19 -3.08
C PHE A 356 -39.14 4.18 -2.31
N PHE A 357 -39.77 3.23 -3.03
CA PHE A 357 -40.61 2.19 -2.42
C PHE A 357 -39.79 1.26 -1.52
N LYS A 358 -38.55 0.94 -1.93
CA LYS A 358 -37.64 0.10 -1.15
C LYS A 358 -37.27 0.75 0.20
N GLN A 359 -36.96 2.07 0.18
CA GLN A 359 -36.61 2.83 1.39
C GLN A 359 -37.81 3.03 2.31
N LEU A 360 -39.01 3.27 1.74
CA LEU A 360 -40.26 3.45 2.50
C LEU A 360 -40.64 2.16 3.24
N ALA A 361 -40.46 1.00 2.58
CA ALA A 361 -40.71 -0.32 3.17
C ALA A 361 -39.67 -0.58 4.27
N MET A 362 -38.39 -0.23 4.00
CA MET A 362 -37.27 -0.38 4.95
C MET A 362 -37.34 0.53 6.18
N ILE A 363 -38.21 1.56 6.19
CA ILE A 363 -38.38 2.45 7.35
C ILE A 363 -39.16 1.68 8.44
N PHE A 364 -40.27 1.04 8.03
CA PHE A 364 -41.14 0.27 8.92
C PHE A 364 -40.63 -1.14 9.20
N MET A 365 -40.13 -1.85 8.16
CA MET A 365 -39.59 -3.21 8.27
C MET A 365 -38.42 -3.30 9.25
N SER A 366 -37.56 -2.27 9.31
CA SER A 366 -36.40 -2.22 10.22
C SER A 366 -36.82 -2.08 11.69
N VAL A 367 -37.93 -1.34 11.96
CA VAL A 367 -38.50 -1.14 13.30
C VAL A 367 -39.11 -2.44 13.79
N LEU A 368 -40.00 -3.05 12.97
CA LEU A 368 -40.69 -4.30 13.27
C LEU A 368 -39.75 -5.47 13.51
N ALA A 369 -38.70 -5.63 12.67
CA ALA A 369 -37.71 -6.70 12.81
C ALA A 369 -36.76 -6.45 13.99
N GLY A 370 -36.44 -5.19 14.24
CA GLY A 370 -35.59 -4.75 15.36
C GLY A 370 -36.26 -5.04 16.69
N ASN A 371 -37.60 -4.83 16.73
CA ASN A 371 -38.46 -5.11 17.88
C ASN A 371 -38.69 -6.62 18.02
N MET A 372 -38.65 -7.36 16.89
CA MET A 372 -38.80 -8.82 16.87
C MET A 372 -37.61 -9.53 17.49
N TYR A 373 -36.39 -8.95 17.38
CA TYR A 373 -35.17 -9.52 17.99
C TYR A 373 -35.23 -9.35 19.52
N GLU A 374 -35.84 -8.24 19.97
CA GLU A 374 -36.03 -7.89 21.38
C GLU A 374 -37.16 -8.75 21.96
N SER A 375 -38.15 -9.14 21.11
CA SER A 375 -39.30 -9.96 21.48
C SER A 375 -39.06 -11.47 21.29
N ILE A 376 -39.08 -11.94 20.04
CA ILE A 376 -38.92 -13.36 19.68
C ILE A 376 -37.49 -13.80 19.27
N GLY A 377 -36.53 -12.88 19.37
CA GLY A 377 -35.13 -13.15 19.05
C GLY A 377 -34.82 -13.11 17.56
N PHE A 378 -33.53 -13.32 17.24
CA PHE A 378 -33.00 -13.35 15.87
C PHE A 378 -33.66 -14.46 15.06
N GLN A 379 -33.43 -15.74 15.46
CA GLN A 379 -33.98 -16.94 14.81
C GLN A 379 -35.50 -16.94 14.69
N GLY A 380 -36.16 -16.34 15.68
CA GLY A 380 -37.61 -16.19 15.72
C GLY A 380 -38.08 -15.27 14.63
N ALA A 381 -37.49 -14.04 14.58
CA ALA A 381 -37.79 -13.01 13.57
C ALA A 381 -37.47 -13.51 12.16
N TYR A 382 -36.38 -14.31 12.02
CA TYR A 382 -35.89 -14.90 10.76
C TYR A 382 -36.86 -15.86 10.07
N LEU A 383 -37.80 -16.46 10.84
CA LEU A 383 -38.83 -17.34 10.30
C LEU A 383 -40.00 -16.52 9.75
N VAL A 384 -40.31 -15.39 10.40
CA VAL A 384 -41.39 -14.48 10.01
C VAL A 384 -41.01 -13.78 8.69
N LEU A 385 -39.77 -13.25 8.63
CA LEU A 385 -39.21 -12.55 7.46
C LEU A 385 -38.86 -13.50 6.33
N GLY A 386 -38.39 -14.70 6.67
CA GLY A 386 -38.04 -15.74 5.72
C GLY A 386 -39.27 -16.33 5.05
N LEU A 387 -40.42 -16.30 5.76
CA LEU A 387 -41.71 -16.79 5.27
C LEU A 387 -42.30 -15.81 4.27
N VAL A 388 -42.25 -14.49 4.59
CA VAL A 388 -42.78 -13.42 3.73
C VAL A 388 -41.94 -13.20 2.46
N ALA A 389 -40.60 -13.30 2.56
CA ALA A 389 -39.69 -13.15 1.43
C ALA A 389 -39.91 -14.30 0.42
N LEU A 390 -40.06 -15.55 0.92
CA LEU A 390 -40.35 -16.72 0.10
C LEU A 390 -41.80 -16.65 -0.38
N GLY A 391 -42.67 -16.05 0.43
CA GLY A 391 -44.07 -15.85 0.11
C GLY A 391 -44.25 -14.98 -1.12
N PHE A 392 -43.58 -13.81 -1.15
CA PHE A 392 -43.61 -12.88 -2.27
C PHE A 392 -42.88 -13.41 -3.51
N THR A 393 -41.85 -14.25 -3.32
CA THR A 393 -41.08 -14.90 -4.40
C THR A 393 -42.00 -15.86 -5.16
N LEU A 394 -42.87 -16.60 -4.44
CA LEU A 394 -43.83 -17.53 -5.02
C LEU A 394 -44.93 -16.79 -5.77
N ILE A 395 -45.32 -15.59 -5.30
CA ILE A 395 -46.33 -14.79 -6.00
C ILE A 395 -45.72 -14.07 -7.22
N SER A 396 -44.39 -13.79 -7.17
CA SER A 396 -43.64 -13.18 -8.27
C SER A 396 -43.51 -14.08 -9.50
N VAL A 397 -43.81 -15.39 -9.34
CA VAL A 397 -43.82 -16.39 -10.41
C VAL A 397 -45.00 -16.04 -11.34
N PHE A 398 -46.09 -15.51 -10.76
CA PHE A 398 -47.33 -15.15 -11.47
C PHE A 398 -47.54 -13.64 -11.68
N THR A 399 -47.16 -12.81 -10.69
CA THR A 399 -47.34 -11.35 -10.73
C THR A 399 -46.41 -10.65 -11.73
N LEU A 400 -45.08 -10.89 -11.63
CA LEU A 400 -44.04 -10.31 -12.49
C LEU A 400 -44.29 -10.58 -13.99
N SER A 401 -43.85 -9.65 -14.88
CA SER A 401 -44.02 -9.75 -16.34
C SER A 401 -43.23 -10.90 -16.98
N GLY A 402 -43.96 -11.83 -17.60
CA GLY A 402 -43.48 -13.05 -18.24
C GLY A 402 -42.30 -12.92 -19.18
N PRO A 403 -41.50 -14.02 -19.36
CA PRO A 403 -40.34 -13.94 -20.26
C PRO A 403 -40.69 -14.18 -21.74
N LEU B 4 8.61 -16.98 13.69
CA LEU B 4 7.70 -18.10 13.50
C LEU B 4 6.23 -17.66 13.48
N LYS B 5 5.82 -16.89 14.50
CA LYS B 5 4.44 -16.38 14.67
C LYS B 5 4.46 -15.02 15.38
N ASN B 6 5.67 -14.57 15.81
CA ASN B 6 5.91 -13.29 16.49
C ASN B 6 5.21 -12.17 15.75
N THR B 7 4.32 -11.45 16.45
CA THR B 7 3.55 -10.35 15.86
C THR B 7 4.44 -9.16 15.50
N ASN B 8 5.50 -8.89 16.30
CA ASN B 8 6.46 -7.80 16.04
C ASN B 8 7.40 -8.12 14.86
N PHE B 9 7.62 -9.42 14.58
CA PHE B 9 8.39 -9.95 13.45
C PHE B 9 7.82 -9.50 12.09
N TRP B 10 6.49 -9.69 11.89
CA TRP B 10 5.78 -9.26 10.69
C TRP B 10 5.70 -7.73 10.63
N MET B 11 5.63 -7.07 11.81
CA MET B 11 5.59 -5.60 11.94
C MET B 11 6.86 -5.05 11.28
N PHE B 12 8.03 -5.60 11.64
CA PHE B 12 9.31 -5.21 11.06
C PHE B 12 9.88 -5.93 9.83
N GLY B 13 9.33 -7.11 9.55
CA GLY B 13 9.67 -7.91 8.37
C GLY B 13 9.11 -7.25 7.14
N LEU B 14 7.86 -6.74 7.24
CA LEU B 14 7.19 -6.01 6.18
C LEU B 14 7.76 -4.59 6.11
N PHE B 15 8.25 -4.06 7.24
CA PHE B 15 8.90 -2.75 7.32
C PHE B 15 10.24 -2.81 6.58
N PHE B 16 10.90 -3.99 6.61
CA PHE B 16 12.16 -4.27 5.91
C PHE B 16 11.87 -4.35 4.40
N PHE B 17 10.73 -4.95 4.02
CA PHE B 17 10.28 -5.13 2.64
C PHE B 17 9.85 -3.81 2.01
N PHE B 18 8.94 -3.07 2.68
CA PHE B 18 8.42 -1.81 2.17
C PHE B 18 9.36 -0.60 2.18
N TYR B 19 10.53 -0.72 2.86
CA TYR B 19 11.55 0.33 2.86
C TYR B 19 12.50 0.05 1.69
N PHE B 20 12.88 -1.24 1.51
CA PHE B 20 13.74 -1.69 0.41
C PHE B 20 12.98 -1.63 -0.92
N PHE B 21 11.68 -1.33 -0.85
CA PHE B 21 10.78 -1.09 -1.98
C PHE B 21 11.15 0.28 -2.52
N ILE B 22 11.17 1.30 -1.63
CA ILE B 22 11.51 2.68 -1.95
C ILE B 22 13.02 2.83 -2.17
N MET B 23 13.82 1.98 -1.50
CA MET B 23 15.28 1.94 -1.68
C MET B 23 15.59 1.34 -3.06
N GLY B 24 14.85 0.30 -3.44
CA GLY B 24 14.96 -0.39 -4.73
C GLY B 24 14.54 0.45 -5.91
N ALA B 25 13.69 1.47 -5.66
CA ALA B 25 13.21 2.40 -6.68
C ALA B 25 14.24 3.49 -6.94
N TYR B 26 14.70 4.18 -5.87
CA TYR B 26 15.67 5.27 -5.95
C TYR B 26 17.08 4.90 -6.44
N PHE B 27 17.87 4.21 -5.59
CA PHE B 27 19.28 3.92 -5.80
C PHE B 27 19.78 3.33 -7.12
N PRO B 28 19.31 2.16 -7.63
CA PRO B 28 19.89 1.65 -8.89
C PRO B 28 19.52 2.48 -10.12
N PHE B 29 18.29 3.02 -10.14
CA PHE B 29 17.77 3.83 -11.25
C PHE B 29 17.92 5.35 -11.08
N PHE B 30 18.78 5.78 -10.13
CA PHE B 30 19.08 7.19 -9.89
C PHE B 30 19.94 7.82 -11.00
N PRO B 31 21.07 7.20 -11.47
CA PRO B 31 21.86 7.85 -12.54
C PRO B 31 21.15 7.94 -13.90
N ILE B 32 20.33 6.93 -14.24
CA ILE B 32 19.54 6.85 -15.48
C ILE B 32 18.48 7.97 -15.50
N TRP B 33 17.90 8.27 -14.33
CA TRP B 33 16.92 9.33 -14.15
C TRP B 33 17.56 10.72 -14.36
N LEU B 34 18.89 10.84 -14.15
CA LEU B 34 19.61 12.10 -14.31
C LEU B 34 20.08 12.35 -15.74
N HIS B 35 20.79 11.37 -16.35
CA HIS B 35 21.31 11.51 -17.72
C HIS B 35 20.25 11.19 -18.77
N ASP B 36 19.71 9.96 -18.76
CA ASP B 36 18.75 9.52 -19.77
C ASP B 36 17.49 10.41 -19.71
N ILE B 37 16.93 10.64 -18.50
CA ILE B 37 15.73 11.48 -18.32
C ILE B 37 15.86 12.99 -18.09
N ASN B 38 16.62 13.41 -17.06
CA ASN B 38 16.81 14.83 -16.74
C ASN B 38 17.86 15.51 -17.63
N HIS B 39 18.58 14.71 -18.47
CA HIS B 39 19.61 15.13 -19.42
C HIS B 39 20.79 15.88 -18.76
N ILE B 40 21.25 15.35 -17.62
CA ILE B 40 22.36 15.92 -16.85
C ILE B 40 23.71 15.32 -17.28
N SER B 41 24.71 16.20 -17.49
CA SER B 41 26.06 15.82 -17.91
C SER B 41 26.83 15.02 -16.87
N LYS B 42 27.91 14.37 -17.31
CA LYS B 42 28.79 13.54 -16.50
C LYS B 42 29.47 14.29 -15.35
N SER B 43 29.89 15.55 -15.60
CA SER B 43 30.54 16.44 -14.63
C SER B 43 29.52 16.89 -13.58
N ASP B 44 28.26 17.11 -14.00
CA ASP B 44 27.14 17.54 -13.16
C ASP B 44 26.75 16.41 -12.21
N THR B 45 26.74 15.15 -12.72
CA THR B 45 26.44 13.95 -11.94
C THR B 45 27.54 13.72 -10.91
N GLY B 46 28.78 14.08 -11.27
CA GLY B 46 29.94 14.00 -10.39
C GLY B 46 29.80 14.91 -9.18
N ILE B 47 29.14 16.08 -9.39
CA ILE B 47 28.85 17.06 -8.34
C ILE B 47 27.71 16.55 -7.44
N ILE B 48 26.71 15.87 -8.03
CA ILE B 48 25.55 15.27 -7.33
C ILE B 48 26.02 14.19 -6.34
N PHE B 49 26.86 13.25 -6.80
CA PHE B 49 27.40 12.16 -5.98
C PHE B 49 28.41 12.62 -4.92
N ALA B 50 29.04 13.79 -5.13
CA ALA B 50 29.99 14.39 -4.18
C ALA B 50 29.23 14.96 -2.98
N ALA B 51 28.05 15.55 -3.24
CA ALA B 51 27.16 16.10 -2.24
C ALA B 51 26.46 14.98 -1.48
N ILE B 52 26.27 13.80 -2.15
CA ILE B 52 25.69 12.57 -1.60
C ILE B 52 26.63 12.05 -0.50
N SER B 53 27.94 12.03 -0.78
CA SER B 53 28.97 11.59 0.14
C SER B 53 29.21 12.61 1.26
N LEU B 54 28.99 13.92 1.00
CA LEU B 54 29.18 15.00 1.98
C LEU B 54 28.11 14.96 3.09
N PHE B 55 26.83 14.78 2.73
CA PHE B 55 25.72 14.67 3.68
C PHE B 55 25.81 13.33 4.44
N SER B 56 26.39 12.30 3.81
CA SER B 56 26.63 10.97 4.39
C SER B 56 27.71 11.08 5.48
N LEU B 57 28.76 11.89 5.23
CA LEU B 57 29.86 12.15 6.17
C LEU B 57 29.36 12.95 7.38
N LEU B 58 28.28 13.74 7.23
CA LEU B 58 27.71 14.55 8.29
C LEU B 58 26.63 13.82 9.09
N PHE B 59 25.65 13.21 8.40
CA PHE B 59 24.50 12.54 9.02
C PHE B 59 24.72 11.14 9.57
N GLN B 60 25.53 10.29 8.89
CA GLN B 60 25.81 8.92 9.35
C GLN B 60 26.45 8.86 10.77
N PRO B 61 27.46 9.70 11.14
CA PRO B 61 28.01 9.64 12.50
C PRO B 61 27.02 10.14 13.55
N LEU B 62 26.10 11.06 13.17
CA LEU B 62 25.07 11.61 14.04
C LEU B 62 24.03 10.54 14.41
N PHE B 63 23.70 9.63 13.48
CA PHE B 63 22.73 8.55 13.71
C PHE B 63 23.30 7.35 14.46
N GLY B 64 24.61 7.14 14.35
CA GLY B 64 25.34 6.08 15.03
C GLY B 64 25.46 6.31 16.53
N LEU B 65 25.26 7.58 16.96
CA LEU B 65 25.27 8.02 18.34
C LEU B 65 23.85 8.17 18.86
N LEU B 66 22.91 8.54 17.97
CA LEU B 66 21.50 8.73 18.31
C LEU B 66 20.77 7.41 18.52
N SER B 67 20.49 6.65 17.42
CA SER B 67 19.76 5.37 17.41
C SER B 67 20.28 4.36 18.44
N ASP B 68 21.61 4.28 18.62
CA ASP B 68 22.27 3.38 19.57
C ASP B 68 21.99 3.77 21.02
N LYS B 69 21.99 5.09 21.33
CA LYS B 69 21.73 5.61 22.67
C LYS B 69 20.35 6.14 23.11
N LEU B 70 19.96 7.34 22.62
CA LEU B 70 18.70 8.02 22.94
C LEU B 70 17.63 7.61 21.92
N GLY B 71 18.00 7.60 20.63
CA GLY B 71 17.13 7.28 19.49
C GLY B 71 16.34 5.99 19.53
N LEU B 72 16.63 5.11 20.52
CA LEU B 72 15.96 3.83 20.77
C LEU B 72 14.42 3.90 21.04
N ARG B 73 13.92 5.13 21.28
CA ARG B 73 12.51 5.41 21.57
C ARG B 73 11.65 5.75 20.31
N LYS B 74 12.03 5.21 19.12
CA LYS B 74 11.37 5.31 17.80
C LYS B 74 11.17 6.70 17.17
N TYR B 75 11.66 7.78 17.84
CA TYR B 75 11.54 9.19 17.44
C TYR B 75 12.23 9.46 16.09
N LEU B 76 13.45 8.92 15.89
CA LEU B 76 14.23 9.09 14.66
C LEU B 76 13.60 8.36 13.46
N LEU B 77 13.07 7.14 13.69
CA LEU B 77 12.43 6.33 12.64
C LEU B 77 11.19 6.99 12.04
N TRP B 78 10.49 7.82 12.83
CA TRP B 78 9.32 8.58 12.38
C TRP B 78 9.76 9.69 11.41
N ILE B 79 10.87 10.42 11.77
CA ILE B 79 11.45 11.53 10.97
C ILE B 79 11.85 11.04 9.58
N ILE B 80 12.47 9.85 9.51
CA ILE B 80 12.89 9.17 8.27
C ILE B 80 11.65 8.91 7.40
N THR B 81 10.55 8.43 8.03
CA THR B 81 9.27 8.15 7.38
C THR B 81 8.57 9.43 6.89
N GLY B 82 8.80 10.55 7.59
CA GLY B 82 8.25 11.86 7.24
C GLY B 82 8.77 12.39 5.91
N MET B 83 10.03 12.06 5.59
CA MET B 83 10.71 12.42 4.35
C MET B 83 10.25 11.47 3.25
N LEU B 84 10.15 10.15 3.58
CA LEU B 84 9.73 9.06 2.69
C LEU B 84 8.31 9.21 2.17
N VAL B 85 7.40 9.82 2.97
CA VAL B 85 6.01 10.10 2.60
C VAL B 85 5.99 11.05 1.38
N MET B 86 6.89 12.05 1.39
CA MET B 86 7.06 13.00 0.30
C MET B 86 8.27 12.62 -0.58
N PHE B 87 8.24 11.39 -1.13
CA PHE B 87 9.28 10.84 -2.01
C PHE B 87 9.02 11.34 -3.44
N ALA B 88 7.80 11.11 -3.98
CA ALA B 88 7.37 11.56 -5.29
C ALA B 88 7.16 13.08 -5.34
N PRO B 89 6.48 13.76 -4.36
CA PRO B 89 6.34 15.23 -4.45
C PRO B 89 7.66 16.00 -4.23
N PHE B 90 8.79 15.27 -4.27
CA PHE B 90 10.14 15.82 -4.14
C PHE B 90 10.84 15.69 -5.49
N PHE B 91 11.00 14.45 -6.00
CA PHE B 91 11.66 14.17 -7.29
C PHE B 91 10.92 14.78 -8.48
N ILE B 92 9.58 14.64 -8.50
CA ILE B 92 8.71 15.13 -9.57
C ILE B 92 8.41 16.64 -9.43
N PHE B 93 8.30 17.15 -8.19
CA PHE B 93 7.95 18.55 -7.95
C PHE B 93 9.07 19.50 -7.55
N ILE B 94 9.99 19.08 -6.65
CA ILE B 94 11.07 19.95 -6.14
C ILE B 94 12.45 19.68 -6.75
N PHE B 95 12.96 18.44 -6.60
CA PHE B 95 14.28 18.00 -7.06
C PHE B 95 14.51 18.11 -8.56
N GLY B 96 13.62 17.52 -9.35
CA GLY B 96 13.65 17.53 -10.82
C GLY B 96 13.81 18.93 -11.40
N PRO B 97 12.90 19.89 -11.09
CA PRO B 97 13.06 21.25 -11.64
C PRO B 97 14.28 22.03 -11.17
N LEU B 98 14.75 21.81 -9.92
CA LEU B 98 15.93 22.49 -9.35
C LEU B 98 17.20 22.18 -10.14
N LEU B 99 17.31 20.94 -10.65
CA LEU B 99 18.43 20.47 -11.48
C LEU B 99 18.32 21.10 -12.87
N GLN B 100 17.10 21.07 -13.46
CA GLN B 100 16.75 21.64 -14.77
C GLN B 100 16.90 23.17 -14.78
N TYR B 101 16.89 23.80 -13.58
CA TYR B 101 17.07 25.24 -13.35
C TYR B 101 18.50 25.69 -13.76
N ASN B 102 19.36 24.71 -14.18
CA ASN B 102 20.76 24.83 -14.59
C ASN B 102 21.76 25.16 -13.46
N ILE B 103 21.24 25.53 -12.25
CA ILE B 103 22.06 25.81 -11.06
C ILE B 103 22.10 24.49 -10.29
N LEU B 104 23.27 23.82 -10.35
CA LEU B 104 23.52 22.54 -9.71
C LEU B 104 23.91 22.68 -8.25
N VAL B 105 24.66 23.75 -7.90
CA VAL B 105 25.11 24.07 -6.54
C VAL B 105 23.90 24.32 -5.62
N GLY B 106 22.93 25.10 -6.10
CA GLY B 106 21.71 25.40 -5.37
C GLY B 106 20.94 24.10 -5.20
N SER B 107 20.77 23.35 -6.31
CA SER B 107 20.06 22.07 -6.35
C SER B 107 20.55 20.90 -5.51
N ILE B 108 21.89 20.70 -5.43
CA ILE B 108 22.49 19.60 -4.67
C ILE B 108 22.18 19.64 -3.18
N VAL B 109 22.18 20.86 -2.59
CA VAL B 109 21.88 21.10 -1.17
C VAL B 109 20.51 20.51 -0.81
N GLY B 110 19.46 20.95 -1.53
CA GLY B 110 18.09 20.49 -1.35
C GLY B 110 17.86 19.05 -1.75
N GLY B 111 18.74 18.52 -2.62
CA GLY B 111 18.68 17.16 -3.13
C GLY B 111 19.08 16.07 -2.16
N ILE B 112 20.11 16.32 -1.33
CA ILE B 112 20.60 15.34 -0.36
C ILE B 112 19.87 15.33 1.00
N TYR B 113 19.01 16.34 1.23
CA TYR B 113 18.19 16.44 2.43
C TYR B 113 17.22 15.23 2.48
N LEU B 114 16.78 14.75 1.31
CA LEU B 114 15.94 13.55 1.17
C LEU B 114 16.82 12.37 0.72
N GLY B 115 18.03 12.68 0.24
CA GLY B 115 19.02 11.73 -0.22
C GLY B 115 19.68 10.94 0.90
N PHE B 116 19.98 11.62 2.04
CA PHE B 116 20.61 10.99 3.21
C PHE B 116 19.71 10.01 3.96
N SER B 117 18.41 9.98 3.65
CA SER B 117 17.43 9.08 4.27
C SER B 117 17.64 7.64 3.82
N PHE B 118 18.37 7.46 2.71
CA PHE B 118 18.72 6.16 2.13
C PHE B 118 20.20 5.86 2.36
N ASN B 119 21.09 6.87 2.21
CA ASN B 119 22.53 6.70 2.39
C ASN B 119 22.89 6.53 3.87
N ALA B 120 22.61 7.58 4.69
CA ALA B 120 22.87 7.60 6.14
C ALA B 120 21.70 7.05 6.97
N GLY B 121 20.51 7.05 6.36
CA GLY B 121 19.28 6.58 6.98
C GLY B 121 19.19 5.09 7.18
N CYS B 122 19.41 4.30 6.11
CA CYS B 122 19.37 2.83 6.12
C CYS B 122 20.22 2.14 7.21
N PRO B 123 21.53 2.46 7.43
CA PRO B 123 22.28 1.78 8.50
C PRO B 123 21.65 1.96 9.88
N ALA B 124 21.08 3.16 10.16
CA ALA B 124 20.40 3.49 11.41
C ALA B 124 19.07 2.73 11.53
N VAL B 125 18.37 2.51 10.39
CA VAL B 125 17.11 1.75 10.33
C VAL B 125 17.43 0.27 10.55
N GLU B 126 18.51 -0.22 9.89
CA GLU B 126 19.01 -1.60 10.02
C GLU B 126 19.51 -1.86 11.45
N ALA B 127 20.05 -0.83 12.14
CA ALA B 127 20.53 -0.90 13.53
C ALA B 127 19.34 -0.91 14.49
N PHE B 128 18.25 -0.22 14.11
CA PHE B 128 17.01 -0.14 14.86
C PHE B 128 16.25 -1.46 14.87
N ILE B 129 16.20 -2.16 13.71
CA ILE B 129 15.53 -3.46 13.58
C ILE B 129 16.43 -4.57 14.17
N GLU B 130 17.75 -4.28 14.35
CA GLU B 130 18.73 -5.20 14.92
C GLU B 130 18.46 -5.34 16.42
N LYS B 131 18.00 -4.23 17.05
CA LYS B 131 17.66 -4.13 18.47
C LYS B 131 16.35 -4.84 18.80
N VAL B 132 15.32 -4.69 17.93
CA VAL B 132 13.99 -5.32 18.09
C VAL B 132 14.11 -6.85 17.99
N SER B 133 14.99 -7.32 17.08
CA SER B 133 15.27 -8.75 16.86
C SER B 133 15.96 -9.38 18.08
N ARG B 134 16.85 -8.60 18.75
CA ARG B 134 17.56 -9.07 19.96
C ARG B 134 16.63 -9.08 21.17
N ARG B 135 15.64 -8.17 21.19
CA ARG B 135 14.64 -8.07 22.27
C ARG B 135 13.73 -9.34 22.22
N SER B 136 13.39 -9.81 21.00
CA SER B 136 12.55 -10.99 20.76
C SER B 136 13.16 -12.33 20.28
N ASN B 137 12.29 -13.31 19.93
CA ASN B 137 12.68 -14.65 19.46
C ASN B 137 13.31 -14.62 18.06
N PHE B 138 12.64 -13.95 17.09
CA PHE B 138 13.07 -13.85 15.68
C PHE B 138 14.48 -13.30 15.48
N GLU B 139 15.21 -13.86 14.49
CA GLU B 139 16.57 -13.46 14.17
C GLU B 139 16.65 -12.43 13.04
N PHE B 140 17.56 -11.45 13.21
CA PHE B 140 17.82 -10.33 12.31
C PHE B 140 18.25 -10.76 10.90
N GLY B 141 18.95 -11.89 10.80
CA GLY B 141 19.41 -12.48 9.55
C GLY B 141 18.28 -12.89 8.64
N ARG B 142 17.23 -13.53 9.20
CA ARG B 142 16.04 -13.95 8.46
C ARG B 142 15.11 -12.75 8.24
N ALA B 143 15.21 -11.73 9.11
CA ALA B 143 14.42 -10.49 9.02
C ALA B 143 14.97 -9.59 7.90
N ARG B 144 16.31 -9.57 7.72
CA ARG B 144 17.01 -8.79 6.67
C ARG B 144 16.68 -9.38 5.29
N MET B 145 16.59 -10.72 5.21
CA MET B 145 16.27 -11.43 3.97
C MET B 145 14.83 -11.17 3.49
N PHE B 146 13.92 -10.80 4.43
CA PHE B 146 12.55 -10.40 4.14
C PHE B 146 12.47 -9.14 3.26
N GLY B 147 13.46 -8.25 3.44
CA GLY B 147 13.58 -7.00 2.70
C GLY B 147 14.31 -7.12 1.38
N ALA B 148 15.26 -8.08 1.27
CA ALA B 148 16.07 -8.36 0.08
C ALA B 148 15.21 -8.68 -1.16
N VAL B 149 14.04 -9.31 -0.95
CA VAL B 149 13.10 -9.63 -2.02
C VAL B 149 12.35 -8.35 -2.48
N GLY B 150 12.19 -7.39 -1.57
CA GLY B 150 11.58 -6.09 -1.83
C GLY B 150 12.44 -5.21 -2.72
N TRP B 151 13.76 -5.35 -2.57
CA TRP B 151 14.79 -4.68 -3.38
C TRP B 151 14.77 -5.31 -4.78
N ALA B 152 14.69 -6.65 -4.83
CA ALA B 152 14.65 -7.44 -6.07
C ALA B 152 13.35 -7.27 -6.85
N LEU B 153 12.19 -7.28 -6.17
CA LEU B 153 10.86 -7.13 -6.79
C LEU B 153 10.71 -5.78 -7.47
N VAL B 154 11.20 -4.70 -6.82
CA VAL B 154 11.12 -3.35 -7.37
C VAL B 154 12.04 -3.13 -8.56
N ALA B 155 13.34 -3.50 -8.43
CA ALA B 155 14.37 -3.38 -9.48
C ALA B 155 13.90 -3.81 -10.88
N SER B 156 13.20 -4.96 -10.96
CA SER B 156 12.67 -5.47 -12.23
C SER B 156 11.43 -4.67 -12.66
N ILE B 157 10.52 -4.36 -11.70
CA ILE B 157 9.29 -3.58 -11.92
C ILE B 157 9.59 -2.14 -12.37
N VAL B 158 10.61 -1.49 -11.79
CA VAL B 158 11.02 -0.14 -12.19
C VAL B 158 11.76 -0.17 -13.55
N GLY B 159 12.64 -1.15 -13.75
CA GLY B 159 13.40 -1.33 -14.98
C GLY B 159 12.54 -1.53 -16.21
N ILE B 160 11.50 -2.36 -16.07
CA ILE B 160 10.54 -2.67 -17.13
C ILE B 160 9.57 -1.49 -17.38
N MET B 161 9.01 -0.89 -16.30
CA MET B 161 8.06 0.23 -16.39
C MET B 161 8.61 1.68 -16.53
N PHE B 162 9.93 1.84 -16.43
CA PHE B 162 10.61 3.13 -16.58
C PHE B 162 10.37 3.94 -17.86
N THR B 163 10.60 3.31 -19.02
CA THR B 163 10.44 3.90 -20.36
C THR B 163 8.98 4.26 -20.65
N ILE B 164 8.03 3.50 -20.08
CA ILE B 164 6.59 3.72 -20.22
C ILE B 164 6.21 4.99 -19.43
N ASN B 165 6.43 4.98 -18.11
CA ASN B 165 6.17 6.11 -17.21
C ASN B 165 6.91 5.94 -15.88
N ASN B 166 8.02 6.68 -15.72
CA ASN B 166 8.83 6.66 -14.51
C ASN B 166 8.14 7.45 -13.38
N GLN B 167 7.26 8.41 -13.76
CA GLN B 167 6.50 9.28 -12.86
C GLN B 167 5.57 8.51 -11.91
N PHE B 168 4.92 7.42 -12.39
CA PHE B 168 4.02 6.64 -11.55
C PHE B 168 4.73 5.66 -10.61
N VAL B 169 5.94 5.19 -11.00
CA VAL B 169 6.74 4.28 -10.17
C VAL B 169 7.22 5.06 -8.94
N PHE B 170 7.55 6.36 -9.13
CA PHE B 170 7.93 7.30 -8.07
C PHE B 170 6.70 7.58 -7.21
N TRP B 171 5.53 7.76 -7.87
CA TRP B 171 4.22 8.00 -7.27
C TRP B 171 3.71 6.77 -6.49
N LEU B 172 4.35 5.60 -6.72
CA LEU B 172 4.03 4.34 -6.06
C LEU B 172 4.84 4.19 -4.77
N GLY B 173 6.12 4.58 -4.80
CA GLY B 173 7.03 4.52 -3.67
C GLY B 173 6.62 5.39 -2.50
N SER B 174 6.14 6.61 -2.80
CA SER B 174 5.65 7.59 -1.82
C SER B 174 4.44 7.03 -1.06
N GLY B 175 3.58 6.31 -1.78
CA GLY B 175 2.38 5.65 -1.27
C GLY B 175 2.70 4.51 -0.33
N MET B 176 3.77 3.75 -0.63
CA MET B 176 4.26 2.64 0.18
C MET B 176 4.77 3.15 1.53
N ALA B 177 5.28 4.40 1.54
CA ALA B 177 5.76 5.09 2.73
C ALA B 177 4.59 5.72 3.46
N LEU B 178 3.48 5.96 2.74
CA LEU B 178 2.27 6.56 3.32
C LEU B 178 1.26 5.54 3.86
N ILE B 179 0.62 4.74 2.97
CA ILE B 179 -0.39 3.75 3.33
C ILE B 179 0.19 2.53 4.05
N LEU B 180 1.45 2.16 3.73
CA LEU B 180 2.05 0.99 4.34
C LEU B 180 2.94 1.21 5.54
N ALA B 181 3.86 2.19 5.48
CA ALA B 181 4.78 2.47 6.58
C ALA B 181 4.12 2.92 7.88
N VAL B 182 3.06 3.76 7.80
CA VAL B 182 2.34 4.27 8.99
C VAL B 182 1.61 3.16 9.75
N LEU B 183 1.03 2.19 9.02
CA LEU B 183 0.31 1.02 9.57
C LEU B 183 1.25 0.21 10.48
N LEU B 184 2.53 0.09 10.08
CA LEU B 184 3.57 -0.62 10.83
C LEU B 184 4.03 0.18 12.05
N PHE B 185 3.78 1.51 12.06
CA PHE B 185 4.15 2.41 13.16
C PHE B 185 3.15 2.47 14.30
N PHE B 186 1.82 2.53 13.99
CA PHE B 186 0.76 2.59 15.00
C PHE B 186 0.74 1.31 15.83
N ALA B 187 0.93 0.15 15.18
CA ALA B 187 1.01 -1.13 15.87
C ALA B 187 2.49 -1.33 16.21
N LYS B 188 2.91 -0.74 17.36
CA LYS B 188 4.29 -0.72 17.87
C LYS B 188 4.57 -1.68 19.04
N THR B 189 5.63 -1.38 19.84
CA THR B 189 6.06 -2.17 21.00
C THR B 189 5.59 -1.48 22.29
N VAL B 197 15.44 -10.76 31.39
CA VAL B 197 16.47 -11.80 31.31
C VAL B 197 16.49 -12.37 29.88
N ALA B 198 17.57 -12.07 29.13
CA ALA B 198 17.74 -12.54 27.75
C ALA B 198 19.21 -12.72 27.36
N ASN B 199 19.53 -13.88 26.74
CA ASN B 199 20.86 -14.23 26.26
C ASN B 199 20.91 -14.02 24.74
N ALA B 200 21.77 -13.11 24.27
CA ALA B 200 21.90 -12.78 22.86
C ALA B 200 22.95 -13.64 22.15
N VAL B 201 22.64 -14.07 20.90
CA VAL B 201 23.53 -14.87 20.05
C VAL B 201 24.66 -13.97 19.52
N GLY B 202 24.29 -12.74 19.13
CA GLY B 202 25.19 -11.72 18.63
C GLY B 202 24.68 -10.41 19.19
N ALA B 203 25.54 -9.68 19.92
CA ALA B 203 25.19 -8.40 20.53
C ALA B 203 26.38 -7.45 20.42
N ASN B 204 26.11 -6.22 19.94
CA ASN B 204 27.12 -5.16 19.78
C ASN B 204 26.75 -3.85 20.50
N HIS B 205 26.74 -3.88 21.85
CA HIS B 205 26.43 -2.72 22.70
C HIS B 205 27.72 -1.92 22.96
N SER B 206 28.20 -1.22 21.91
CA SER B 206 29.44 -0.44 21.97
C SER B 206 29.24 1.07 21.90
N ALA B 207 30.21 1.81 22.47
CA ALA B 207 30.27 3.27 22.51
C ALA B 207 31.71 3.73 22.21
N PHE B 208 31.86 4.97 21.70
CA PHE B 208 33.18 5.51 21.36
C PHE B 208 33.49 6.88 21.98
N SER B 209 34.78 7.20 22.12
CA SER B 209 35.28 8.46 22.69
C SER B 209 36.52 8.97 21.94
N LEU B 210 37.01 10.18 22.30
CA LEU B 210 38.19 10.79 21.70
C LEU B 210 39.48 10.06 22.05
N LYS B 211 39.63 9.59 23.32
CA LYS B 211 40.80 8.84 23.79
C LYS B 211 40.86 7.45 23.14
N LEU B 212 39.67 6.85 22.87
CA LEU B 212 39.52 5.56 22.20
C LEU B 212 40.01 5.71 20.75
N ALA B 213 39.66 6.84 20.11
CA ALA B 213 40.07 7.18 18.75
C ALA B 213 41.55 7.56 18.70
N LEU B 214 42.05 8.28 19.73
CA LEU B 214 43.46 8.71 19.84
C LEU B 214 44.37 7.48 19.97
N GLU B 215 43.92 6.45 20.74
CA GLU B 215 44.63 5.17 20.95
C GLU B 215 44.58 4.33 19.67
N LEU B 216 43.52 4.51 18.87
CA LEU B 216 43.32 3.85 17.58
C LEU B 216 44.29 4.44 16.55
N PHE B 217 44.64 5.75 16.70
CA PHE B 217 45.58 6.48 15.85
C PHE B 217 47.05 6.15 16.17
N ARG B 218 47.30 5.60 17.38
CA ARG B 218 48.64 5.21 17.83
C ARG B 218 49.10 3.95 17.08
N GLN B 219 48.15 3.04 16.77
CA GLN B 219 48.42 1.78 16.09
C GLN B 219 48.44 1.97 14.55
N PRO B 220 49.49 1.46 13.84
CA PRO B 220 49.53 1.61 12.37
C PRO B 220 48.52 0.74 11.64
N LYS B 221 48.02 -0.34 12.29
CA LYS B 221 47.02 -1.30 11.77
C LYS B 221 45.83 -0.59 11.11
N LEU B 222 45.32 0.49 11.76
CA LEU B 222 44.22 1.32 11.29
C LEU B 222 44.56 2.01 9.97
N TRP B 223 45.73 2.68 9.93
CA TRP B 223 46.22 3.42 8.76
C TRP B 223 46.35 2.57 7.51
N PHE B 224 46.87 1.34 7.68
CA PHE B 224 47.00 0.37 6.59
C PHE B 224 45.63 -0.16 6.14
N LEU B 225 44.68 -0.26 7.10
CA LEU B 225 43.32 -0.67 6.83
C LEU B 225 42.58 0.46 6.12
N SER B 226 42.73 1.73 6.60
CA SER B 226 42.13 2.95 6.04
C SER B 226 42.50 3.11 4.56
N LEU B 227 43.79 2.86 4.22
CA LEU B 227 44.35 2.94 2.88
C LEU B 227 43.65 1.99 1.90
N TYR B 228 43.22 0.81 2.39
CA TYR B 228 42.46 -0.17 1.60
C TYR B 228 41.04 0.35 1.38
N VAL B 229 40.43 0.93 2.43
CA VAL B 229 39.07 1.49 2.39
C VAL B 229 39.01 2.69 1.43
N ILE B 230 40.06 3.54 1.43
CA ILE B 230 40.11 4.72 0.55
C ILE B 230 40.62 4.40 -0.87
N GLY B 231 41.76 3.72 -0.95
CA GLY B 231 42.44 3.36 -2.19
C GLY B 231 41.54 2.44 -3.00
N VAL B 232 41.20 1.26 -2.44
CA VAL B 232 40.34 0.31 -3.16
C VAL B 232 38.82 0.48 -3.14
N SER B 233 38.20 0.52 -1.94
CA SER B 233 36.75 0.62 -1.79
C SER B 233 36.12 1.89 -2.37
N SER B 234 36.55 3.08 -1.92
CA SER B 234 36.04 4.38 -2.39
C SER B 234 36.14 4.53 -3.91
N THR B 235 37.26 4.03 -4.49
CA THR B 235 37.56 4.03 -5.93
C THR B 235 36.50 3.20 -6.66
N TYR B 236 36.17 2.01 -6.11
CA TYR B 236 35.18 1.09 -6.65
C TYR B 236 33.75 1.58 -6.46
N ASP B 237 33.46 2.21 -5.31
CA ASP B 237 32.14 2.75 -4.99
C ASP B 237 31.77 3.88 -5.93
N VAL B 238 32.76 4.74 -6.26
CA VAL B 238 32.64 5.87 -7.19
C VAL B 238 32.40 5.34 -8.61
N PHE B 239 33.11 4.26 -8.99
CA PHE B 239 33.00 3.57 -10.28
C PHE B 239 31.56 3.15 -10.57
N ASP B 240 30.84 2.65 -9.55
CA ASP B 240 29.44 2.20 -9.67
C ASP B 240 28.42 3.33 -9.74
N GLN B 241 28.77 4.55 -9.25
CA GLN B 241 27.89 5.72 -9.25
C GLN B 241 27.33 6.07 -10.61
N GLN B 242 28.16 5.95 -11.68
CA GLN B 242 27.78 6.25 -13.06
C GLN B 242 27.95 5.08 -14.06
N PHE B 243 28.24 3.87 -13.56
CA PHE B 243 28.41 2.66 -14.39
C PHE B 243 27.13 2.29 -15.16
N ALA B 244 25.95 2.47 -14.54
CA ALA B 244 24.63 2.17 -15.12
C ALA B 244 24.41 2.79 -16.50
N ASN B 245 24.81 4.08 -16.67
CA ASN B 245 24.70 4.82 -17.93
C ASN B 245 25.60 4.21 -19.00
N PHE B 246 26.83 3.84 -18.61
CA PHE B 246 27.82 3.18 -19.47
C PHE B 246 27.30 1.80 -19.90
N PHE B 247 26.71 1.05 -18.95
CA PHE B 247 26.15 -0.28 -19.16
C PHE B 247 25.03 -0.27 -20.22
N THR B 248 24.02 0.62 -20.03
CA THR B 248 22.85 0.80 -20.91
C THR B 248 23.18 1.13 -22.38
N SER B 249 24.30 1.82 -22.62
CA SER B 249 24.80 2.23 -23.93
C SER B 249 25.04 1.05 -24.87
N PHE B 250 25.49 -0.09 -24.33
CA PHE B 250 25.78 -1.33 -25.06
C PHE B 250 24.53 -2.02 -25.65
N PHE B 251 23.33 -1.65 -25.18
CA PHE B 251 22.06 -2.25 -25.57
C PHE B 251 21.36 -1.66 -26.77
N ALA B 252 20.72 -2.54 -27.57
CA ALA B 252 19.98 -2.27 -28.81
C ALA B 252 19.11 -1.01 -28.79
N THR B 253 18.28 -0.84 -27.72
CA THR B 253 17.41 0.32 -27.55
C THR B 253 17.56 0.95 -26.14
N GLY B 254 16.80 2.03 -25.89
CA GLY B 254 16.74 2.70 -24.60
C GLY B 254 15.96 1.84 -23.62
N GLU B 255 14.99 1.07 -24.15
CA GLU B 255 14.14 0.10 -23.44
C GLU B 255 14.97 -1.16 -23.10
N GLN B 256 15.89 -1.57 -24.00
CA GLN B 256 16.77 -2.74 -23.85
C GLN B 256 17.82 -2.56 -22.74
N GLY B 257 18.23 -1.31 -22.49
CA GLY B 257 19.19 -0.95 -21.46
C GLY B 257 18.65 -1.18 -20.07
N THR B 258 17.54 -0.49 -19.74
CA THR B 258 16.84 -0.56 -18.44
C THR B 258 16.18 -1.92 -18.16
N ARG B 259 15.73 -2.65 -19.21
CA ARG B 259 15.09 -3.96 -19.10
C ARG B 259 16.10 -4.96 -18.52
N VAL B 260 17.29 -5.06 -19.16
CA VAL B 260 18.39 -5.94 -18.75
C VAL B 260 19.01 -5.46 -17.44
N PHE B 261 19.14 -4.12 -17.25
CA PHE B 261 19.67 -3.56 -16.00
C PHE B 261 18.73 -3.85 -14.81
N GLY B 262 17.43 -3.92 -15.09
CA GLY B 262 16.41 -4.26 -14.10
C GLY B 262 16.46 -5.74 -13.74
N TYR B 263 16.64 -6.60 -14.76
CA TYR B 263 16.75 -8.06 -14.61
C TYR B 263 18.02 -8.48 -13.89
N VAL B 264 19.13 -7.72 -14.09
CA VAL B 264 20.44 -8.03 -13.49
C VAL B 264 20.55 -7.81 -11.97
N THR B 265 20.10 -6.64 -11.45
CA THR B 265 20.15 -6.34 -10.00
C THR B 265 19.24 -7.27 -9.20
N THR B 266 18.13 -7.74 -9.83
CA THR B 266 17.15 -8.67 -9.29
C THR B 266 17.77 -10.07 -9.18
N MET B 267 18.38 -10.56 -10.29
CA MET B 267 19.05 -11.85 -10.35
C MET B 267 20.31 -11.86 -9.50
N GLY B 268 21.04 -10.73 -9.52
CA GLY B 268 22.26 -10.51 -8.77
C GLY B 268 22.09 -10.58 -7.27
N GLU B 269 20.91 -10.14 -6.77
CA GLU B 269 20.55 -10.16 -5.35
C GLU B 269 20.35 -11.59 -4.88
N LEU B 270 19.68 -12.43 -5.71
CA LEU B 270 19.46 -13.85 -5.43
C LEU B 270 20.80 -14.58 -5.44
N LEU B 271 21.74 -14.14 -6.30
CA LEU B 271 23.09 -14.68 -6.41
C LEU B 271 23.94 -14.23 -5.21
N ASN B 272 23.76 -12.98 -4.76
CA ASN B 272 24.48 -12.40 -3.62
C ASN B 272 24.11 -13.08 -2.29
N ALA B 273 22.79 -13.18 -1.99
CA ALA B 273 22.29 -13.81 -0.77
C ALA B 273 22.65 -15.29 -0.69
N SER B 274 22.64 -15.99 -1.86
CA SER B 274 23.00 -17.41 -1.95
C SER B 274 24.46 -17.64 -1.63
N ILE B 275 25.35 -16.76 -2.12
CA ILE B 275 26.78 -16.88 -1.86
C ILE B 275 27.24 -16.34 -0.51
N MET B 276 26.60 -15.23 -0.02
CA MET B 276 26.86 -14.60 1.28
C MET B 276 26.57 -15.59 2.43
N PHE B 277 25.65 -16.54 2.16
CA PHE B 277 25.22 -17.61 3.05
C PHE B 277 26.39 -18.59 3.28
N PHE B 278 26.98 -19.11 2.17
CA PHE B 278 28.10 -20.06 2.21
C PHE B 278 29.47 -19.38 2.39
N ALA B 279 29.53 -18.04 2.25
CA ALA B 279 30.76 -17.24 2.36
C ALA B 279 31.53 -17.33 3.70
N PRO B 280 30.89 -17.24 4.91
CA PRO B 280 31.68 -17.29 6.16
C PRO B 280 32.57 -18.53 6.31
N LEU B 281 32.11 -19.68 5.76
CA LEU B 281 32.84 -20.96 5.74
C LEU B 281 34.18 -20.80 5.03
N ILE B 282 34.15 -20.09 3.88
CA ILE B 282 35.31 -19.79 3.03
C ILE B 282 36.26 -18.85 3.77
N ILE B 283 35.72 -17.69 4.24
CA ILE B 283 36.45 -16.63 4.96
C ILE B 283 37.30 -17.18 6.12
N ASN B 284 36.71 -18.07 6.96
CA ASN B 284 37.39 -18.69 8.10
C ASN B 284 38.59 -19.57 7.72
N ARG B 285 38.58 -20.13 6.49
CA ARG B 285 39.68 -20.95 5.97
C ARG B 285 40.76 -20.09 5.29
N ILE B 286 40.36 -19.00 4.59
CA ILE B 286 41.27 -18.05 3.90
C ILE B 286 41.94 -17.10 4.89
N GLY B 287 41.15 -16.56 5.81
CA GLY B 287 41.59 -15.56 6.78
C GLY B 287 41.07 -14.18 6.42
N GLY B 288 41.06 -13.28 7.39
CA GLY B 288 40.58 -11.91 7.26
C GLY B 288 41.30 -11.02 6.27
N LYS B 289 42.65 -11.09 6.26
CA LYS B 289 43.52 -10.31 5.37
C LYS B 289 43.40 -10.79 3.94
N ASN B 290 43.58 -12.12 3.73
CA ASN B 290 43.56 -12.80 2.43
C ASN B 290 42.19 -12.76 1.72
N ALA B 291 41.08 -12.99 2.46
CA ALA B 291 39.71 -12.95 1.90
C ALA B 291 39.28 -11.53 1.58
N LEU B 292 39.84 -10.54 2.31
CA LEU B 292 39.57 -9.11 2.10
C LEU B 292 40.24 -8.70 0.79
N LEU B 293 41.45 -9.24 0.54
CA LEU B 293 42.21 -9.00 -0.69
C LEU B 293 41.60 -9.72 -1.88
N LEU B 294 40.84 -10.81 -1.64
CA LEU B 294 40.13 -11.58 -2.66
C LEU B 294 39.04 -10.70 -3.26
N ALA B 295 38.43 -9.83 -2.40
CA ALA B 295 37.41 -8.85 -2.79
C ALA B 295 38.04 -7.72 -3.61
N GLY B 296 39.26 -7.31 -3.24
CA GLY B 296 40.03 -6.26 -3.90
C GLY B 296 40.46 -6.57 -5.32
N THR B 297 40.69 -7.87 -5.62
CA THR B 297 41.07 -8.37 -6.95
C THR B 297 39.83 -8.39 -7.84
N ILE B 298 38.73 -9.01 -7.36
CA ILE B 298 37.45 -9.05 -8.06
C ILE B 298 36.80 -7.64 -8.16
N MET B 299 37.28 -6.69 -7.32
CA MET B 299 36.88 -5.28 -7.33
C MET B 299 37.56 -4.61 -8.52
N SER B 300 38.91 -4.57 -8.54
CA SER B 300 39.74 -3.95 -9.57
C SER B 300 39.64 -4.59 -10.96
N VAL B 301 39.43 -5.92 -11.04
CA VAL B 301 39.28 -6.67 -12.29
C VAL B 301 38.01 -6.20 -13.05
N ARG B 302 36.96 -5.78 -12.31
CA ARG B 302 35.72 -5.24 -12.87
C ARG B 302 35.94 -3.85 -13.48
N ILE B 303 36.65 -2.93 -12.76
CA ILE B 303 36.95 -1.57 -13.23
C ILE B 303 37.91 -1.61 -14.43
N ILE B 304 38.95 -2.45 -14.33
CA ILE B 304 39.95 -2.62 -15.39
C ILE B 304 39.40 -3.40 -16.61
N GLY B 305 38.42 -4.26 -16.36
CA GLY B 305 37.73 -5.03 -17.40
C GLY B 305 36.78 -4.14 -18.17
N SER B 306 36.22 -3.12 -17.48
CA SER B 306 35.31 -2.10 -18.03
C SER B 306 36.02 -1.16 -19.02
N SER B 307 37.36 -1.02 -18.87
CA SER B 307 38.24 -0.19 -19.71
C SER B 307 38.40 -0.79 -21.12
N PHE B 308 38.05 -2.08 -21.30
CA PHE B 308 38.15 -2.79 -22.58
C PHE B 308 36.82 -3.43 -23.02
N ALA B 309 35.70 -3.07 -22.35
CA ALA B 309 34.35 -3.57 -22.62
C ALA B 309 33.90 -3.25 -24.04
N THR B 310 33.39 -4.26 -24.77
CA THR B 310 32.94 -4.11 -26.16
C THR B 310 31.50 -4.51 -26.43
N SER B 311 31.00 -5.61 -25.81
CA SER B 311 29.62 -6.09 -26.05
C SER B 311 28.67 -5.99 -24.85
N ALA B 312 27.36 -6.22 -25.11
CA ALA B 312 26.26 -6.18 -24.14
C ALA B 312 26.31 -7.36 -23.16
N LEU B 313 26.59 -8.59 -23.68
CA LEU B 313 26.71 -9.80 -22.86
C LEU B 313 28.04 -9.81 -22.09
N GLU B 314 29.00 -8.96 -22.52
CA GLU B 314 30.30 -8.76 -21.89
C GLU B 314 30.12 -7.85 -20.67
N VAL B 315 29.26 -6.82 -20.79
CA VAL B 315 28.94 -5.89 -19.69
C VAL B 315 27.98 -6.50 -18.65
N VAL B 316 27.23 -7.55 -19.05
CA VAL B 316 26.33 -8.31 -18.18
C VAL B 316 27.21 -9.16 -17.24
N ILE B 317 28.29 -9.75 -17.80
CA ILE B 317 29.28 -10.56 -17.09
C ILE B 317 30.07 -9.70 -16.10
N LEU B 318 30.31 -8.42 -16.45
CA LEU B 318 31.01 -7.46 -15.59
C LEU B 318 30.13 -7.04 -14.40
N LYS B 319 28.81 -6.89 -14.63
CA LYS B 319 27.84 -6.52 -13.59
C LYS B 319 27.71 -7.57 -12.49
N THR B 320 27.74 -8.87 -12.87
CA THR B 320 27.64 -10.02 -11.96
C THR B 320 28.83 -10.13 -11.01
N LEU B 321 30.01 -9.62 -11.42
CA LEU B 321 31.26 -9.59 -10.65
C LEU B 321 31.11 -8.81 -9.35
N HIS B 322 30.22 -7.78 -9.36
CA HIS B 322 29.88 -6.93 -8.22
C HIS B 322 29.20 -7.75 -7.13
N MET B 323 28.41 -8.76 -7.56
CA MET B 323 27.67 -9.68 -6.71
C MET B 323 28.58 -10.78 -6.12
N PHE B 324 29.70 -11.11 -6.81
CA PHE B 324 30.70 -12.09 -6.32
C PHE B 324 31.58 -11.37 -5.30
N GLU B 325 31.74 -10.05 -5.48
CA GLU B 325 32.56 -9.18 -4.65
C GLU B 325 32.05 -8.85 -3.24
N VAL B 326 30.78 -8.43 -3.13
CA VAL B 326 30.08 -8.02 -1.90
C VAL B 326 30.29 -8.90 -0.63
N PRO B 327 30.06 -10.25 -0.63
CA PRO B 327 30.29 -11.02 0.60
C PRO B 327 31.72 -10.99 1.12
N PHE B 328 32.70 -11.10 0.22
CA PHE B 328 34.14 -11.07 0.53
C PHE B 328 34.63 -9.73 1.08
N LEU B 329 33.74 -8.73 1.11
CA LEU B 329 34.03 -7.40 1.67
C LEU B 329 33.12 -7.07 2.85
N LEU B 330 31.88 -7.63 2.89
CA LEU B 330 30.97 -7.39 4.02
C LEU B 330 31.51 -8.16 5.23
N VAL B 331 31.56 -9.50 5.12
CA VAL B 331 32.08 -10.38 6.17
C VAL B 331 33.62 -10.33 6.24
N GLY B 332 34.25 -10.02 5.11
CA GLY B 332 35.70 -9.87 5.00
C GLY B 332 36.24 -8.74 5.86
N SER B 333 35.48 -7.62 5.93
CA SER B 333 35.83 -6.45 6.74
C SER B 333 35.51 -6.73 8.22
N PHE B 334 34.39 -7.45 8.48
CA PHE B 334 33.94 -7.83 9.83
C PHE B 334 34.98 -8.67 10.56
N LYS B 335 35.35 -9.83 9.98
CA LYS B 335 36.31 -10.77 10.54
C LYS B 335 37.74 -10.22 10.66
N TYR B 336 38.08 -9.17 9.89
CA TYR B 336 39.41 -8.55 9.98
C TYR B 336 39.52 -7.75 11.28
N ILE B 337 38.48 -6.95 11.60
CA ILE B 337 38.41 -6.14 12.82
C ILE B 337 38.28 -7.07 14.03
N THR B 338 37.43 -8.11 13.90
CA THR B 338 37.18 -9.14 14.90
C THR B 338 38.48 -9.89 15.23
N SER B 339 39.31 -10.17 14.21
CA SER B 339 40.56 -10.91 14.39
C SER B 339 41.81 -10.07 14.66
N GLN B 340 41.87 -8.82 14.19
CA GLN B 340 43.07 -8.00 14.37
C GLN B 340 42.93 -6.74 15.25
N PHE B 341 41.76 -6.55 15.90
CA PHE B 341 41.52 -5.39 16.77
C PHE B 341 40.79 -5.75 18.07
N GLU B 342 41.01 -4.94 19.14
CA GLU B 342 40.34 -5.09 20.43
C GLU B 342 38.85 -4.77 20.25
N VAL B 343 37.97 -5.60 20.84
CA VAL B 343 36.50 -5.48 20.77
C VAL B 343 35.98 -4.07 21.11
N ARG B 344 36.63 -3.41 22.10
CA ARG B 344 36.32 -2.05 22.55
C ARG B 344 36.53 -0.99 21.45
N PHE B 345 37.55 -1.19 20.60
CA PHE B 345 37.93 -0.30 19.50
C PHE B 345 36.98 -0.31 18.29
N SER B 346 36.24 -1.41 18.07
CA SER B 346 35.30 -1.62 16.94
C SER B 346 34.34 -0.44 16.70
N ALA B 347 33.96 0.27 17.78
CA ALA B 347 33.07 1.44 17.76
C ALA B 347 33.67 2.60 16.95
N THR B 348 34.96 2.93 17.19
CA THR B 348 35.67 3.99 16.46
C THR B 348 36.04 3.55 15.05
N ILE B 349 36.46 2.27 14.89
CA ILE B 349 36.87 1.66 13.62
C ILE B 349 35.87 1.88 12.49
N TYR B 350 34.59 1.48 12.70
CA TYR B 350 33.54 1.68 11.69
C TYR B 350 33.42 3.17 11.35
N LEU B 351 33.35 4.02 12.38
CA LEU B 351 33.21 5.47 12.20
C LEU B 351 34.39 6.07 11.47
N VAL B 352 35.60 5.99 12.06
CA VAL B 352 36.84 6.56 11.52
C VAL B 352 37.19 6.11 10.09
N ALA B 353 37.29 4.80 9.84
CA ALA B 353 37.67 4.29 8.51
C ALA B 353 36.50 3.95 7.58
N PHE B 354 35.73 2.88 7.88
CA PHE B 354 34.62 2.36 7.09
C PHE B 354 33.65 3.51 6.71
N ALA B 355 33.26 4.38 7.69
CA ALA B 355 32.33 5.48 7.42
C ALA B 355 32.80 6.94 7.18
N PHE B 356 33.91 7.37 7.82
CA PHE B 356 34.43 8.73 7.60
C PHE B 356 35.46 8.92 6.49
N PHE B 357 36.54 8.12 6.52
CA PHE B 357 37.60 8.18 5.52
C PHE B 357 37.09 7.78 4.12
N LYS B 358 36.18 6.78 4.05
CA LYS B 358 35.57 6.32 2.80
C LYS B 358 34.74 7.43 2.15
N GLN B 359 33.91 8.15 2.95
CA GLN B 359 33.07 9.25 2.46
C GLN B 359 33.90 10.47 2.05
N LEU B 360 34.98 10.79 2.81
CA LEU B 360 35.87 11.91 2.52
C LEU B 360 36.61 11.70 1.20
N ALA B 361 37.05 10.45 0.92
CA ALA B 361 37.70 10.07 -0.33
C ALA B 361 36.68 10.14 -1.47
N MET B 362 35.45 9.65 -1.23
CA MET B 362 34.34 9.66 -2.18
C MET B 362 33.80 11.05 -2.53
N ILE B 363 34.15 12.10 -1.77
CA ILE B 363 33.72 13.47 -2.06
C ILE B 363 34.53 13.99 -3.26
N PHE B 364 35.86 13.80 -3.21
CA PHE B 364 36.79 14.22 -4.27
C PHE B 364 36.87 13.25 -5.44
N MET B 365 36.91 11.93 -5.17
CA MET B 365 36.96 10.87 -6.19
C MET B 365 35.77 10.93 -7.16
N SER B 366 34.57 11.26 -6.66
CA SER B 366 33.34 11.38 -7.48
C SER B 366 33.40 12.57 -8.46
N VAL B 367 34.04 13.68 -8.03
CA VAL B 367 34.21 14.90 -8.83
C VAL B 367 35.22 14.62 -9.96
N LEU B 368 36.40 14.10 -9.61
CA LEU B 368 37.48 13.76 -10.53
C LEU B 368 37.08 12.74 -11.58
N ALA B 369 36.36 11.67 -11.19
CA ALA B 369 35.89 10.63 -12.12
C ALA B 369 34.73 11.12 -12.98
N GLY B 370 33.87 11.96 -12.42
CA GLY B 370 32.74 12.58 -13.10
C GLY B 370 33.21 13.51 -14.21
N ASN B 371 34.31 14.25 -13.93
CA ASN B 371 34.99 15.15 -14.86
C ASN B 371 35.78 14.35 -15.89
N MET B 372 36.26 13.15 -15.51
CA MET B 372 36.99 12.25 -16.41
C MET B 372 36.10 11.65 -17.49
N TYR B 373 34.81 11.44 -17.20
CA TYR B 373 33.84 10.93 -18.19
C TYR B 373 33.53 12.02 -19.25
N GLU B 374 33.55 13.29 -18.79
CA GLU B 374 33.32 14.48 -19.62
C GLU B 374 34.58 14.76 -20.45
N SER B 375 35.76 14.40 -19.93
CA SER B 375 37.06 14.60 -20.57
C SER B 375 37.50 13.38 -21.42
N ILE B 376 37.94 12.29 -20.77
CA ILE B 376 38.45 11.07 -21.43
C ILE B 376 37.43 9.93 -21.58
N GLY B 377 36.17 10.18 -21.20
CA GLY B 377 35.09 9.19 -21.31
C GLY B 377 35.07 8.16 -20.21
N PHE B 378 34.06 7.27 -20.27
CA PHE B 378 33.85 6.18 -19.32
C PHE B 378 35.04 5.22 -19.34
N GLN B 379 35.29 4.53 -20.48
CA GLN B 379 36.37 3.56 -20.67
C GLN B 379 37.77 4.14 -20.41
N GLY B 380 37.92 5.44 -20.65
CA GLY B 380 39.15 6.19 -20.39
C GLY B 380 39.39 6.32 -18.90
N ALA B 381 38.38 6.84 -18.17
CA ALA B 381 38.41 7.01 -16.71
C ALA B 381 38.59 5.66 -15.99
N TYR B 382 37.96 4.58 -16.52
CA TYR B 382 38.01 3.22 -15.99
C TYR B 382 39.41 2.64 -15.89
N LEU B 383 40.32 3.04 -16.81
CA LEU B 383 41.71 2.58 -16.82
C LEU B 383 42.52 3.26 -15.73
N VAL B 384 42.20 4.55 -15.46
CA VAL B 384 42.86 5.36 -14.44
C VAL B 384 42.49 4.82 -13.04
N LEU B 385 41.17 4.60 -12.82
CA LEU B 385 40.60 4.09 -11.57
C LEU B 385 40.88 2.61 -11.36
N GLY B 386 40.89 1.84 -12.45
CA GLY B 386 41.19 0.41 -12.44
C GLY B 386 42.65 0.14 -12.14
N LEU B 387 43.54 1.08 -12.50
CA LEU B 387 44.97 1.02 -12.26
C LEU B 387 45.27 1.29 -10.79
N VAL B 388 44.64 2.34 -10.21
CA VAL B 388 44.82 2.72 -8.80
C VAL B 388 44.22 1.72 -7.81
N ALA B 389 43.05 1.14 -8.14
CA ALA B 389 42.37 0.14 -7.31
C ALA B 389 43.22 -1.14 -7.23
N LEU B 390 43.77 -1.58 -8.39
CA LEU B 390 44.66 -2.74 -8.47
C LEU B 390 46.01 -2.39 -7.85
N GLY B 391 46.40 -1.12 -7.98
CA GLY B 391 47.63 -0.58 -7.41
C GLY B 391 47.66 -0.71 -5.90
N PHE B 392 46.58 -0.24 -5.23
CA PHE B 392 46.43 -0.31 -3.78
C PHE B 392 46.21 -1.75 -3.28
N THR B 393 45.61 -2.62 -4.12
CA THR B 393 45.37 -4.04 -3.83
C THR B 393 46.72 -4.78 -3.71
N LEU B 394 47.68 -4.42 -4.57
CA LEU B 394 49.03 -4.98 -4.58
C LEU B 394 49.86 -4.48 -3.39
N ILE B 395 49.59 -3.23 -2.92
CA ILE B 395 50.25 -2.61 -1.76
C ILE B 395 49.67 -3.25 -0.47
N SER B 396 48.37 -3.62 -0.51
CA SER B 396 47.66 -4.24 0.59
C SER B 396 48.15 -5.65 0.94
N VAL B 397 48.97 -6.24 0.06
CA VAL B 397 49.62 -7.54 0.27
C VAL B 397 50.64 -7.37 1.41
N PHE B 398 51.30 -6.18 1.47
CA PHE B 398 52.28 -5.84 2.51
C PHE B 398 51.81 -4.67 3.41
N THR B 399 50.52 -4.69 3.82
CA THR B 399 49.94 -3.68 4.73
C THR B 399 50.24 -3.73 6.24
N LEU B 400 50.91 -4.82 6.67
CA LEU B 400 51.37 -5.12 8.03
C LEU B 400 52.91 -5.17 8.16
N SER B 401 53.54 -6.10 7.41
CA SER B 401 54.98 -6.36 7.34
C SER B 401 55.26 -7.22 6.09
N GLY B 402 56.48 -7.15 5.57
CA GLY B 402 56.91 -7.92 4.41
C GLY B 402 57.05 -9.40 4.72
N PRO B 403 56.21 -10.30 4.11
CA PRO B 403 56.32 -11.73 4.42
C PRO B 403 57.43 -12.47 3.67
N GLY B 404 57.75 -13.67 4.15
CA GLY B 404 58.77 -14.53 3.57
C GLY B 404 58.54 -16.00 3.84
#